data_7W2A
#
_entry.id   7W2A
#
_cell.length_a   83.885
_cell.length_b   83.885
_cell.length_c   107.079
_cell.angle_alpha   90.000
_cell.angle_beta   90.000
_cell.angle_gamma   120.000
#
_symmetry.space_group_name_H-M   'P 32'
#
loop_
_entity.id
_entity.type
_entity.pdbx_description
1 polymer Peptidase
2 non-polymer 'CALCIUM ION'
3 water water
#
_entity_poly.entity_id   1
_entity_poly.type   'polypeptide(L)'
_entity_poly.pdbx_seq_one_letter_code
;LVPNDTRYSEQWGYASGVGGANLPKAWDITTGSDKVVVAVVDTGYRPHADLAANILPGYDFISDPDSANDGNGRDNNAAD
PGDWVTQQEVDDPNGPFYRCQLDQFGNTFASNSSWHGTHVAGTIGAVSNNGTGVAGISWKGKILPVRVLGKCGGTLSDIA
DGMRWAAGLSVPGAPANPNPASVLNFSLGGGGSCSRTYQNAINAVVAKGATVVVAAGNEASPVSSSQPANCQNVIAVAAT
DINGRRASFTNTGSLVKIAAPGVNILSTLNSGTKSPAADSYASYNGTSMATPHVAGTVALMLAANGSLTPSQILQKLQAS
ARPFPSGSGCSTSTCGAGLLDAGAAVNAARQHHHHHH
;
_entity_poly.pdbx_strand_id   A,B
#
# COMPACT_ATOMS: atom_id res chain seq x y z
N LEU A 1 -31.56 -10.69 31.18
CA LEU A 1 -32.69 -10.15 30.44
C LEU A 1 -32.58 -10.62 28.99
N VAL A 2 -33.68 -11.06 28.39
CA VAL A 2 -33.67 -11.41 26.97
C VAL A 2 -34.78 -10.63 26.26
N PRO A 3 -34.57 -10.25 25.01
CA PRO A 3 -35.61 -9.57 24.24
C PRO A 3 -36.55 -10.58 23.60
N ASN A 4 -37.70 -10.09 23.13
CA ASN A 4 -38.74 -10.97 22.60
C ASN A 4 -38.70 -11.13 21.07
N ASP A 5 -37.62 -10.70 20.41
CA ASP A 5 -37.63 -10.69 18.95
C ASP A 5 -37.72 -12.11 18.39
N THR A 6 -38.48 -12.22 17.28
CA THR A 6 -38.78 -13.50 16.66
C THR A 6 -37.54 -14.34 16.36
N ARG A 7 -36.48 -13.71 15.86
CA ARG A 7 -35.30 -14.40 15.39
C ARG A 7 -34.14 -14.37 16.37
N TYR A 8 -34.34 -13.78 17.57
CA TYR A 8 -33.25 -13.67 18.53
C TYR A 8 -32.65 -15.04 18.86
N SER A 9 -33.48 -16.09 18.93
CA SER A 9 -32.97 -17.41 19.30
C SER A 9 -31.96 -17.94 18.29
N GLU A 10 -31.97 -17.44 17.05
CA GLU A 10 -31.02 -17.85 16.03
C GLU A 10 -29.71 -17.07 16.12
N GLN A 11 -29.67 -16.02 16.94
CA GLN A 11 -28.48 -15.16 17.08
C GLN A 11 -27.61 -15.73 18.20
N TRP A 12 -26.96 -16.86 17.88
CA TRP A 12 -26.15 -17.57 18.86
C TRP A 12 -25.05 -16.68 19.42
N GLY A 13 -24.58 -15.71 18.63
CA GLY A 13 -23.50 -14.86 19.12
C GLY A 13 -23.86 -14.05 20.34
N TYR A 14 -25.15 -13.84 20.59
CA TYR A 14 -25.57 -13.11 21.79
C TYR A 14 -25.74 -14.01 23.00
N ALA A 15 -25.88 -15.32 22.78
CA ALA A 15 -26.29 -16.22 23.84
C ALA A 15 -25.08 -16.66 24.66
N SER A 16 -25.33 -17.54 25.63
CA SER A 16 -24.31 -17.90 26.61
C SER A 16 -23.72 -19.29 26.37
N GLY A 17 -23.76 -19.76 25.13
CA GLY A 17 -23.10 -21.01 24.78
C GLY A 17 -21.59 -20.86 24.81
N VAL A 18 -20.90 -21.96 24.49
CA VAL A 18 -19.43 -21.96 24.60
C VAL A 18 -18.80 -20.87 23.74
N GLY A 19 -19.46 -20.48 22.65
CA GLY A 19 -18.88 -19.49 21.77
C GLY A 19 -19.51 -18.11 21.85
N GLY A 20 -20.62 -18.00 22.56
CA GLY A 20 -21.40 -16.77 22.55
C GLY A 20 -20.86 -15.68 23.47
N ALA A 21 -21.37 -14.46 23.26
CA ALA A 21 -20.91 -13.30 24.00
C ALA A 21 -21.68 -13.06 25.30
N ASN A 22 -22.71 -13.87 25.62
CA ASN A 22 -23.30 -13.86 26.96
C ASN A 22 -23.96 -12.50 27.27
N LEU A 23 -24.74 -12.01 26.30
CA LEU A 23 -25.37 -10.71 26.44
C LEU A 23 -26.47 -10.64 27.49
N PRO A 24 -27.28 -11.69 27.75
CA PRO A 24 -28.37 -11.51 28.72
C PRO A 24 -27.90 -11.04 30.09
N LYS A 25 -26.70 -11.44 30.52
CA LYS A 25 -26.14 -10.94 31.78
C LYS A 25 -25.83 -9.45 31.71
N ALA A 26 -25.25 -9.01 30.58
CA ALA A 26 -25.01 -7.58 30.40
C ALA A 26 -26.30 -6.78 30.36
N TRP A 27 -27.33 -7.32 29.70
CA TRP A 27 -28.57 -6.59 29.54
C TRP A 27 -29.32 -6.42 30.87
N ASP A 28 -29.01 -7.25 31.89
CA ASP A 28 -29.52 -6.98 33.24
C ASP A 28 -28.99 -5.68 33.81
N ILE A 29 -27.83 -5.22 33.33
CA ILE A 29 -27.21 -3.97 33.76
C ILE A 29 -27.66 -2.81 32.89
N THR A 30 -27.61 -3.00 31.58
CA THR A 30 -27.94 -1.92 30.67
C THR A 30 -28.31 -2.52 29.34
N THR A 31 -29.31 -1.91 28.68
CA THR A 31 -29.59 -2.22 27.29
C THR A 31 -29.19 -1.06 26.40
N GLY A 32 -28.29 -0.21 26.89
CA GLY A 32 -27.69 0.85 26.08
C GLY A 32 -28.16 2.23 26.54
N SER A 33 -27.60 3.23 25.88
CA SER A 33 -27.92 4.63 26.17
C SER A 33 -27.94 5.41 24.88
N ASP A 34 -28.96 6.24 24.68
CA ASP A 34 -28.97 7.04 23.46
C ASP A 34 -27.94 8.16 23.47
N LYS A 35 -27.20 8.34 24.57
CA LYS A 35 -26.10 9.28 24.58
C LYS A 35 -24.78 8.65 24.16
N VAL A 36 -24.74 7.34 23.94
CA VAL A 36 -23.57 6.66 23.42
C VAL A 36 -23.81 6.38 21.95
N VAL A 37 -22.89 6.83 21.11
CA VAL A 37 -23.04 6.74 19.65
C VAL A 37 -21.96 5.82 19.11
N VAL A 38 -22.36 4.82 18.34
CA VAL A 38 -21.45 3.94 17.62
C VAL A 38 -21.48 4.33 16.14
N ALA A 39 -20.32 4.60 15.56
CA ALA A 39 -20.23 4.86 14.12
C ALA A 39 -20.02 3.55 13.37
N VAL A 40 -20.86 3.29 12.38
CA VAL A 40 -20.68 2.15 11.49
C VAL A 40 -20.14 2.73 10.20
N VAL A 41 -18.85 2.54 9.97
CA VAL A 41 -18.13 3.18 8.87
C VAL A 41 -18.01 2.10 7.81
N ASP A 42 -18.86 2.20 6.77
CA ASP A 42 -19.20 0.99 6.02
C ASP A 42 -19.88 1.35 4.70
N THR A 43 -20.76 0.48 4.19
CA THR A 43 -21.40 0.70 2.90
C THR A 43 -22.59 1.65 2.97
N GLY A 44 -22.95 2.15 4.15
CA GLY A 44 -24.18 2.89 4.32
C GLY A 44 -25.24 2.00 4.95
N TYR A 45 -26.46 2.53 5.04
CA TYR A 45 -27.54 1.79 5.70
C TYR A 45 -28.80 1.78 4.85
N ARG A 46 -29.65 0.76 5.07
CA ARG A 46 -31.03 0.86 4.63
C ARG A 46 -31.92 1.15 5.83
N PRO A 47 -33.01 1.93 5.66
CA PRO A 47 -33.93 2.24 6.76
C PRO A 47 -34.86 1.08 7.04
N HIS A 48 -34.28 -0.09 7.25
CA HIS A 48 -35.00 -1.30 7.62
C HIS A 48 -35.94 -1.02 8.79
N ALA A 49 -37.16 -1.56 8.73
CA ALA A 49 -38.12 -1.34 9.80
C ALA A 49 -37.60 -1.78 11.16
N ASP A 50 -36.70 -2.78 11.18
CA ASP A 50 -36.10 -3.28 12.41
C ASP A 50 -34.76 -2.62 12.72
N LEU A 51 -34.48 -1.44 12.16
CA LEU A 51 -33.20 -0.75 12.37
C LEU A 51 -33.34 0.77 12.44
N ALA A 52 -34.23 1.33 11.61
CA ALA A 52 -34.18 2.77 11.31
C ALA A 52 -34.31 3.65 12.56
N ALA A 53 -35.10 3.25 13.56
CA ALA A 53 -35.29 4.12 14.71
C ALA A 53 -33.99 4.41 15.46
N ASN A 54 -32.96 3.56 15.30
CA ASN A 54 -31.71 3.77 16.01
C ASN A 54 -30.66 4.47 15.15
N ILE A 55 -31.00 4.87 13.93
CA ILE A 55 -30.05 5.46 12.98
C ILE A 55 -30.12 6.98 13.07
N LEU A 56 -28.95 7.62 13.20
CA LEU A 56 -28.80 9.07 13.21
C LEU A 56 -28.47 9.59 11.81
N PRO A 57 -28.67 10.88 11.56
CA PRO A 57 -28.09 11.49 10.35
C PRO A 57 -26.58 11.30 10.34
N GLY A 58 -26.04 10.89 9.18
CA GLY A 58 -24.64 10.59 9.02
C GLY A 58 -24.04 11.36 7.85
N TYR A 59 -23.09 10.73 7.19
CA TYR A 59 -22.44 11.37 6.08
C TYR A 59 -21.91 10.33 5.12
N ASP A 60 -21.75 10.75 3.88
CA ASP A 60 -21.31 9.87 2.78
C ASP A 60 -20.02 10.45 2.23
N PHE A 61 -18.90 9.81 2.54
CA PHE A 61 -17.59 10.29 2.14
C PHE A 61 -17.07 9.69 0.84
N ILE A 62 -17.90 8.94 0.11
CA ILE A 62 -17.41 8.38 -1.15
C ILE A 62 -17.25 9.50 -2.17
N SER A 63 -16.01 9.74 -2.58
CA SER A 63 -15.71 10.90 -3.42
C SER A 63 -16.03 10.68 -4.89
N ASP A 64 -15.91 9.44 -5.37
CA ASP A 64 -16.07 9.13 -6.79
C ASP A 64 -17.52 8.81 -7.08
N PRO A 65 -18.21 9.57 -7.93
CA PRO A 65 -19.63 9.27 -8.18
C PRO A 65 -19.88 7.89 -8.75
N ASP A 66 -18.94 7.33 -9.53
CA ASP A 66 -19.18 6.00 -10.09
C ASP A 66 -19.27 4.96 -8.98
N SER A 67 -18.28 4.95 -8.07
CA SER A 67 -18.35 4.05 -6.92
C SER A 67 -19.51 4.40 -6.00
N ALA A 68 -19.78 5.69 -5.81
CA ALA A 68 -20.82 6.10 -4.87
C ALA A 68 -22.20 5.63 -5.31
N ASN A 69 -22.44 5.57 -6.63
CA ASN A 69 -23.67 4.95 -7.15
C ASN A 69 -24.92 5.67 -6.67
N ASP A 70 -24.82 6.98 -6.40
CA ASP A 70 -25.95 7.74 -5.86
C ASP A 70 -26.10 9.10 -6.54
N GLY A 71 -25.39 9.34 -7.63
CA GLY A 71 -25.57 10.54 -8.41
C GLY A 71 -24.64 11.69 -8.07
N ASN A 72 -23.71 11.51 -7.14
CA ASN A 72 -22.81 12.60 -6.80
C ASN A 72 -21.66 12.07 -5.95
N GLY A 73 -20.67 12.94 -5.72
CA GLY A 73 -19.58 12.65 -4.81
C GLY A 73 -20.01 12.78 -3.35
N ARG A 74 -19.16 13.36 -2.51
CA ARG A 74 -19.47 13.37 -1.08
C ARG A 74 -20.80 14.09 -0.83
N ASP A 75 -21.56 13.60 0.15
CA ASP A 75 -22.90 14.11 0.37
C ASP A 75 -23.35 13.75 1.79
N ASN A 76 -24.47 14.32 2.22
CA ASN A 76 -24.92 14.16 3.60
C ASN A 76 -25.93 13.03 3.79
N ASN A 77 -26.04 12.12 2.83
CA ASN A 77 -27.02 11.02 2.88
C ASN A 77 -26.26 9.70 2.83
N ALA A 78 -26.14 9.05 4.00
CA ALA A 78 -25.41 7.79 4.13
C ALA A 78 -26.25 6.56 3.81
N ALA A 79 -27.42 6.73 3.19
CA ALA A 79 -28.16 5.57 2.71
C ALA A 79 -27.35 4.78 1.68
N ASP A 80 -27.52 3.46 1.71
CA ASP A 80 -26.79 2.56 0.82
C ASP A 80 -27.62 2.36 -0.45
N PRO A 81 -27.16 2.84 -1.61
CA PRO A 81 -27.90 2.60 -2.85
C PRO A 81 -27.67 1.21 -3.41
N GLY A 82 -26.74 0.46 -2.86
CA GLY A 82 -26.34 -0.82 -3.41
C GLY A 82 -24.92 -0.72 -3.94
N ASP A 83 -24.11 -1.76 -3.68
CA ASP A 83 -22.73 -1.80 -4.10
C ASP A 83 -22.46 -2.91 -5.13
N TRP A 84 -23.49 -3.34 -5.86
CA TRP A 84 -23.31 -4.39 -6.85
C TRP A 84 -22.28 -4.01 -7.90
N VAL A 85 -21.67 -5.02 -8.52
CA VAL A 85 -20.73 -4.84 -9.63
C VAL A 85 -21.11 -5.87 -10.69
N THR A 86 -21.44 -5.41 -11.89
CA THR A 86 -21.82 -6.37 -12.92
C THR A 86 -20.58 -6.93 -13.62
N GLN A 87 -20.77 -8.05 -14.31
CA GLN A 87 -19.68 -8.64 -15.07
C GLN A 87 -19.19 -7.69 -16.17
N GLN A 88 -20.11 -7.01 -16.81
CA GLN A 88 -19.71 -6.04 -17.81
C GLN A 88 -18.91 -4.87 -17.21
N GLU A 89 -19.27 -4.45 -16.00
CA GLU A 89 -18.51 -3.38 -15.34
C GLU A 89 -17.09 -3.82 -15.00
N VAL A 90 -16.94 -5.00 -14.39
CA VAL A 90 -15.60 -5.41 -13.93
C VAL A 90 -14.70 -5.77 -15.11
N ASP A 91 -15.27 -6.05 -16.28
CA ASP A 91 -14.52 -6.47 -17.46
C ASP A 91 -14.33 -5.37 -18.50
N ASP A 92 -14.84 -4.17 -18.24
CA ASP A 92 -14.75 -3.08 -19.22
C ASP A 92 -13.39 -2.40 -19.11
N PRO A 93 -12.46 -2.65 -20.05
CA PRO A 93 -11.13 -2.05 -19.91
C PRO A 93 -11.13 -0.54 -19.96
N ASN A 94 -12.20 0.07 -20.46
CA ASN A 94 -12.31 1.51 -20.53
C ASN A 94 -13.15 2.08 -19.39
N GLY A 95 -13.62 1.23 -18.48
CA GLY A 95 -14.52 1.65 -17.44
C GLY A 95 -13.86 1.80 -16.08
N PRO A 96 -14.59 2.43 -15.16
CA PRO A 96 -14.02 2.74 -13.83
C PRO A 96 -13.96 1.56 -12.89
N PHE A 97 -14.54 0.43 -13.26
CA PHE A 97 -14.54 -0.75 -12.40
C PHE A 97 -13.66 -1.87 -12.95
N TYR A 98 -12.86 -1.60 -13.98
CA TYR A 98 -12.01 -2.60 -14.61
C TYR A 98 -11.14 -3.31 -13.59
N ARG A 99 -11.31 -4.62 -13.50
CA ARG A 99 -10.51 -5.48 -12.63
C ARG A 99 -10.49 -4.97 -11.20
N CYS A 100 -11.61 -4.40 -10.74
CA CYS A 100 -11.64 -3.82 -9.41
C CYS A 100 -11.72 -4.88 -8.31
N GLN A 101 -12.19 -6.09 -8.62
CA GLN A 101 -12.16 -7.19 -7.66
C GLN A 101 -11.76 -8.45 -8.40
N LEU A 102 -10.78 -9.17 -7.85
CA LEU A 102 -10.24 -10.38 -8.43
C LEU A 102 -10.27 -11.50 -7.41
N ASP A 103 -10.41 -12.73 -7.91
CA ASP A 103 -10.46 -13.90 -7.05
C ASP A 103 -9.04 -14.44 -6.84
N GLN A 104 -8.93 -15.70 -6.41
CA GLN A 104 -7.64 -16.29 -6.08
C GLN A 104 -6.72 -16.36 -7.28
N PHE A 105 -7.28 -16.55 -8.48
CA PHE A 105 -6.51 -16.76 -9.70
C PHE A 105 -6.23 -15.48 -10.46
N GLY A 106 -6.59 -14.32 -9.90
CA GLY A 106 -6.46 -13.09 -10.63
C GLY A 106 -7.53 -12.87 -11.68
N ASN A 107 -8.68 -13.53 -11.54
CA ASN A 107 -9.80 -13.39 -12.46
C ASN A 107 -10.87 -12.49 -11.85
N THR A 108 -11.47 -11.65 -12.70
CA THR A 108 -12.55 -10.77 -12.27
C THR A 108 -13.80 -11.58 -11.93
N PHE A 109 -14.64 -10.99 -11.08
CA PHE A 109 -15.95 -11.56 -10.78
C PHE A 109 -16.96 -10.45 -10.51
N ALA A 110 -18.23 -10.78 -10.69
CA ALA A 110 -19.38 -9.93 -10.42
C ALA A 110 -19.96 -10.21 -9.03
N SER A 111 -20.73 -9.24 -8.53
CA SER A 111 -21.32 -9.39 -7.20
C SER A 111 -22.66 -8.67 -7.12
N ASN A 112 -23.57 -9.25 -6.34
CA ASN A 112 -24.82 -8.57 -6.00
C ASN A 112 -24.58 -7.58 -4.86
N SER A 113 -25.54 -6.70 -4.63
CA SER A 113 -25.45 -5.77 -3.52
C SER A 113 -25.28 -6.54 -2.20
N SER A 114 -24.34 -6.09 -1.38
CA SER A 114 -24.06 -6.76 -0.12
C SER A 114 -24.96 -6.29 1.03
N TRP A 115 -25.39 -5.03 1.01
CA TRP A 115 -26.06 -4.41 2.16
C TRP A 115 -25.27 -4.63 3.44
N HIS A 116 -23.94 -4.68 3.29
CA HIS A 116 -23.08 -5.10 4.40
C HIS A 116 -23.19 -4.15 5.59
N GLY A 117 -23.29 -2.85 5.33
CA GLY A 117 -23.42 -1.90 6.42
C GLY A 117 -24.70 -2.06 7.20
N THR A 118 -25.77 -2.54 6.54
CA THR A 118 -27.03 -2.78 7.23
C THR A 118 -26.93 -4.01 8.13
N HIS A 119 -26.21 -5.03 7.68
CA HIS A 119 -25.99 -6.22 8.51
C HIS A 119 -25.18 -5.85 9.75
N VAL A 120 -24.05 -5.16 9.55
CA VAL A 120 -23.21 -4.74 10.66
C VAL A 120 -23.98 -3.84 11.63
N ALA A 121 -24.71 -2.85 11.09
CA ALA A 121 -25.47 -1.95 11.97
C ALA A 121 -26.49 -2.71 12.79
N GLY A 122 -27.15 -3.72 12.21
CA GLY A 122 -28.10 -4.52 12.97
C GLY A 122 -27.48 -5.25 14.15
N THR A 123 -26.24 -5.73 14.00
CA THR A 123 -25.58 -6.36 15.13
C THR A 123 -25.34 -5.36 16.25
N ILE A 124 -24.94 -4.14 15.90
CA ILE A 124 -24.71 -3.12 16.92
C ILE A 124 -26.04 -2.71 17.56
N GLY A 125 -27.10 -2.55 16.77
CA GLY A 125 -28.27 -1.85 17.28
C GLY A 125 -29.57 -2.01 16.51
N ALA A 126 -29.86 -3.21 16.00
CA ALA A 126 -31.21 -3.46 15.51
C ALA A 126 -32.22 -3.13 16.61
N VAL A 127 -33.42 -2.70 16.18
CA VAL A 127 -34.48 -2.41 17.14
C VAL A 127 -34.87 -3.70 17.84
N SER A 128 -34.79 -3.69 19.16
CA SER A 128 -34.84 -4.90 19.95
C SER A 128 -36.05 -4.90 20.86
N ASN A 129 -36.51 -6.11 21.20
CA ASN A 129 -37.68 -6.30 22.06
C ASN A 129 -38.92 -5.65 21.45
N ASN A 130 -39.00 -5.63 20.12
CA ASN A 130 -40.16 -5.10 19.41
C ASN A 130 -40.97 -6.19 18.72
N GLY A 131 -40.80 -7.45 19.16
CA GLY A 131 -41.68 -8.50 18.71
C GLY A 131 -41.49 -8.94 17.29
N THR A 132 -40.39 -8.55 16.65
CA THR A 132 -40.20 -8.92 15.25
C THR A 132 -38.72 -8.90 14.91
N GLY A 133 -38.35 -9.67 13.91
CA GLY A 133 -37.00 -9.59 13.39
C GLY A 133 -35.95 -10.03 14.39
N VAL A 134 -34.83 -9.29 14.41
CA VAL A 134 -33.65 -9.65 15.19
C VAL A 134 -33.49 -8.69 16.37
N ALA A 135 -32.49 -8.94 17.21
CA ALA A 135 -32.07 -7.99 18.24
C ALA A 135 -30.69 -7.44 17.89
N GLY A 136 -30.35 -6.33 18.54
CA GLY A 136 -29.01 -5.77 18.51
C GLY A 136 -28.39 -5.79 19.89
N ILE A 137 -27.09 -5.46 19.95
CA ILE A 137 -26.40 -5.48 21.22
C ILE A 137 -26.80 -4.30 22.09
N SER A 138 -26.89 -3.11 21.50
CA SER A 138 -27.34 -1.92 22.22
C SER A 138 -28.75 -1.59 21.74
N TRP A 139 -29.74 -1.88 22.58
CA TRP A 139 -31.11 -1.65 22.15
C TRP A 139 -31.44 -0.18 22.04
N LYS A 140 -30.85 0.64 22.92
CA LYS A 140 -31.21 2.04 23.02
C LYS A 140 -30.13 2.98 22.52
N GLY A 141 -28.96 2.46 22.20
CA GLY A 141 -27.90 3.28 21.66
C GLY A 141 -28.23 3.79 20.28
N LYS A 142 -27.46 4.76 19.83
CA LYS A 142 -27.66 5.33 18.51
C LYS A 142 -26.51 4.92 17.60
N ILE A 143 -26.81 4.86 16.31
CA ILE A 143 -25.85 4.45 15.29
C ILE A 143 -25.64 5.61 14.33
N LEU A 144 -24.37 5.99 14.14
CA LEU A 144 -23.98 7.02 13.18
C LEU A 144 -23.52 6.35 11.89
N PRO A 145 -24.30 6.38 10.82
CA PRO A 145 -23.87 5.74 9.57
C PRO A 145 -22.91 6.64 8.80
N VAL A 146 -21.72 6.12 8.52
CA VAL A 146 -20.70 6.87 7.80
C VAL A 146 -20.35 6.04 6.57
N ARG A 147 -20.81 6.47 5.40
CA ARG A 147 -20.71 5.65 4.21
C ARG A 147 -19.37 5.93 3.53
N VAL A 148 -18.56 4.88 3.39
CA VAL A 148 -17.22 5.01 2.80
C VAL A 148 -16.97 3.93 1.76
N LEU A 149 -17.84 2.91 1.70
CA LEU A 149 -17.69 1.78 0.77
C LEU A 149 -18.85 1.80 -0.22
N GLY A 150 -18.51 1.74 -1.51
CA GLY A 150 -19.49 1.70 -2.56
C GLY A 150 -19.23 0.52 -3.50
N LYS A 151 -19.59 0.70 -4.77
CA LYS A 151 -19.32 -0.35 -5.75
C LYS A 151 -17.82 -0.66 -5.78
N CYS A 152 -17.49 -1.94 -5.58
CA CYS A 152 -16.11 -2.43 -5.53
C CYS A 152 -15.27 -1.83 -4.40
N GLY A 153 -15.90 -1.35 -3.35
CA GLY A 153 -15.13 -0.99 -2.19
C GLY A 153 -14.97 0.51 -2.02
N GLY A 154 -13.90 0.91 -1.35
CA GLY A 154 -13.72 2.33 -1.04
C GLY A 154 -12.24 2.68 -1.02
N THR A 155 -11.98 3.98 -0.92
CA THR A 155 -10.60 4.45 -0.93
C THR A 155 -10.09 4.74 0.46
N LEU A 156 -8.77 4.60 0.63
CA LEU A 156 -8.11 4.87 1.90
C LEU A 156 -8.44 6.27 2.41
N SER A 157 -8.38 7.26 1.52
CA SER A 157 -8.61 8.64 1.91
C SER A 157 -10.06 8.87 2.36
N ASP A 158 -11.03 8.26 1.68
CA ASP A 158 -12.42 8.42 2.09
C ASP A 158 -12.67 7.76 3.43
N ILE A 159 -12.09 6.58 3.65
CA ILE A 159 -12.30 5.85 4.91
C ILE A 159 -11.67 6.62 6.07
N ALA A 160 -10.46 7.14 5.87
CA ALA A 160 -9.80 7.89 6.95
C ALA A 160 -10.54 9.19 7.26
N ASP A 161 -11.07 9.86 6.24
CA ASP A 161 -11.89 11.05 6.49
C ASP A 161 -13.17 10.69 7.23
N GLY A 162 -13.80 9.57 6.84
CA GLY A 162 -14.98 9.12 7.55
C GLY A 162 -14.70 8.84 9.00
N MET A 163 -13.53 8.26 9.29
CA MET A 163 -13.11 8.00 10.66
C MET A 163 -13.02 9.30 11.46
N ARG A 164 -12.33 10.31 10.92
CA ARG A 164 -12.20 11.59 11.62
C ARG A 164 -13.57 12.22 11.88
N TRP A 165 -14.40 12.31 10.84
CA TRP A 165 -15.71 12.93 11.00
C TRP A 165 -16.55 12.18 12.01
N ALA A 166 -16.48 10.84 12.00
CA ALA A 166 -17.30 10.06 12.91
C ALA A 166 -17.05 10.44 14.36
N ALA A 167 -15.78 10.68 14.70
CA ALA A 167 -15.41 11.03 16.08
C ALA A 167 -15.60 12.50 16.41
N GLY A 168 -16.05 13.31 15.46
CA GLY A 168 -16.27 14.73 15.73
C GLY A 168 -15.10 15.62 15.39
N LEU A 169 -14.15 15.14 14.59
CA LEU A 169 -13.06 15.96 14.08
C LEU A 169 -13.44 16.55 12.72
N SER A 170 -12.71 17.61 12.35
CA SER A 170 -12.97 18.34 11.12
C SER A 170 -12.44 17.59 9.90
N VAL A 171 -13.20 17.67 8.81
CA VAL A 171 -12.78 17.19 7.50
C VAL A 171 -13.05 18.32 6.52
N PRO A 172 -12.08 18.75 5.72
CA PRO A 172 -12.32 19.83 4.75
C PRO A 172 -13.52 19.51 3.86
N GLY A 173 -14.40 20.50 3.70
CA GLY A 173 -15.55 20.37 2.84
C GLY A 173 -16.75 19.69 3.46
N ALA A 174 -16.62 19.18 4.69
CA ALA A 174 -17.73 18.53 5.37
C ALA A 174 -18.20 19.39 6.55
N PRO A 175 -19.50 19.37 6.85
CA PRO A 175 -20.00 20.11 8.01
C PRO A 175 -19.58 19.41 9.29
N ALA A 176 -19.65 20.14 10.40
CA ALA A 176 -19.33 19.51 11.67
C ALA A 176 -20.36 18.43 11.99
N ASN A 177 -19.88 17.38 12.67
CA ASN A 177 -20.74 16.29 13.09
C ASN A 177 -21.32 16.60 14.47
N PRO A 178 -22.61 16.87 14.60
CA PRO A 178 -23.20 17.14 15.92
C PRO A 178 -23.42 15.90 16.76
N ASN A 179 -23.16 14.71 16.22
CA ASN A 179 -23.33 13.44 16.92
C ASN A 179 -22.00 12.68 16.93
N PRO A 180 -20.98 13.19 17.61
CA PRO A 180 -19.70 12.47 17.67
C PRO A 180 -19.86 11.09 18.31
N ALA A 181 -19.14 10.13 17.75
CA ALA A 181 -19.21 8.73 18.18
C ALA A 181 -18.03 8.40 19.08
N SER A 182 -18.30 7.65 20.17
CA SER A 182 -17.22 7.19 21.04
C SER A 182 -16.70 5.81 20.67
N VAL A 183 -17.41 5.07 19.82
CA VAL A 183 -16.98 3.75 19.36
C VAL A 183 -17.10 3.76 17.84
N LEU A 184 -16.02 3.40 17.15
CA LEU A 184 -15.98 3.43 15.69
C LEU A 184 -15.77 2.01 15.19
N ASN A 185 -16.71 1.52 14.38
CA ASN A 185 -16.67 0.16 13.84
C ASN A 185 -16.18 0.16 12.41
N PHE A 186 -15.08 -0.57 12.15
CA PHE A 186 -14.50 -0.72 10.82
C PHE A 186 -14.48 -2.19 10.41
N SER A 187 -15.58 -2.63 9.80
CA SER A 187 -15.69 -4.00 9.28
C SER A 187 -15.18 -4.05 7.84
N LEU A 188 -13.89 -3.76 7.68
CA LEU A 188 -13.33 -3.53 6.35
C LEU A 188 -11.81 -3.54 6.44
N GLY A 189 -11.18 -3.55 5.28
CA GLY A 189 -9.73 -3.44 5.23
C GLY A 189 -9.22 -3.67 3.83
N GLY A 190 -7.89 -3.66 3.73
CA GLY A 190 -7.23 -3.90 2.45
C GLY A 190 -5.79 -4.29 2.72
N GLY A 191 -5.08 -4.65 1.65
CA GLY A 191 -3.73 -5.15 1.84
C GLY A 191 -2.71 -4.06 2.13
N GLY A 192 -1.55 -4.48 2.63
CA GLY A 192 -0.43 -3.59 2.83
C GLY A 192 -0.24 -3.23 4.29
N SER A 193 0.98 -2.80 4.61
CA SER A 193 1.25 -2.31 5.95
C SER A 193 0.44 -1.05 6.21
N CYS A 194 0.20 -0.77 7.50
CA CYS A 194 -0.63 0.34 7.92
C CYS A 194 -0.12 1.66 7.38
N SER A 195 -0.89 2.28 6.51
CA SER A 195 -0.52 3.54 5.91
C SER A 195 -0.54 4.67 6.94
N ARG A 196 0.34 5.65 6.73
CA ARG A 196 0.33 6.82 7.59
C ARG A 196 -1.02 7.54 7.54
N THR A 197 -1.70 7.49 6.39
CA THR A 197 -3.04 8.06 6.30
C THR A 197 -3.96 7.45 7.35
N TYR A 198 -3.94 6.12 7.49
CA TYR A 198 -4.75 5.49 8.54
C TYR A 198 -4.22 5.86 9.92
N GLN A 199 -2.91 5.74 10.13
CA GLN A 199 -2.40 5.87 11.51
C GLN A 199 -2.61 7.29 12.04
N ASN A 200 -2.48 8.30 11.17
CA ASN A 200 -2.73 9.67 11.62
C ASN A 200 -4.19 9.84 12.05
N ALA A 201 -5.11 9.30 11.24
CA ALA A 201 -6.52 9.43 11.58
C ALA A 201 -6.85 8.66 12.85
N ILE A 202 -6.31 7.44 12.99
CA ILE A 202 -6.56 6.63 14.19
C ILE A 202 -6.08 7.38 15.43
N ASN A 203 -4.84 7.88 15.39
CA ASN A 203 -4.32 8.52 16.59
C ASN A 203 -5.12 9.76 16.94
N ALA A 204 -5.59 10.49 15.92
CA ALA A 204 -6.40 11.68 16.18
C ALA A 204 -7.72 11.33 16.85
N VAL A 205 -8.39 10.28 16.38
CA VAL A 205 -9.68 9.97 17.00
C VAL A 205 -9.50 9.31 18.36
N VAL A 206 -8.44 8.53 18.56
CA VAL A 206 -8.22 7.93 19.88
C VAL A 206 -7.92 9.01 20.91
N ALA A 207 -7.14 10.01 20.52
CA ALA A 207 -6.85 11.08 21.47
C ALA A 207 -8.09 11.93 21.73
N LYS A 208 -9.03 11.97 20.80
CA LYS A 208 -10.34 12.59 21.01
C LYS A 208 -11.23 11.77 21.93
N GLY A 209 -10.83 10.53 22.21
CA GLY A 209 -11.54 9.68 23.15
C GLY A 209 -12.28 8.51 22.55
N ALA A 210 -12.14 8.25 21.25
CA ALA A 210 -12.88 7.18 20.60
C ALA A 210 -12.09 5.88 20.63
N THR A 211 -12.82 4.77 20.66
CA THR A 211 -12.28 3.43 20.54
C THR A 211 -12.51 2.95 19.12
N VAL A 212 -11.45 2.45 18.46
CA VAL A 212 -11.50 2.02 17.06
C VAL A 212 -11.43 0.50 17.01
N VAL A 213 -12.51 -0.14 16.54
CA VAL A 213 -12.61 -1.60 16.47
C VAL A 213 -12.58 -2.01 15.02
N VAL A 214 -11.71 -2.96 14.66
CA VAL A 214 -11.44 -3.27 13.26
C VAL A 214 -11.44 -4.78 13.01
N ALA A 215 -11.97 -5.19 11.86
CA ALA A 215 -11.99 -6.59 11.48
C ALA A 215 -10.59 -7.07 11.12
N ALA A 216 -10.21 -8.27 11.60
CA ALA A 216 -8.86 -8.75 11.31
C ALA A 216 -8.66 -9.14 9.86
N GLY A 217 -9.72 -9.47 9.14
CA GLY A 217 -9.61 -9.92 7.75
C GLY A 217 -9.87 -11.41 7.62
N ASN A 218 -10.12 -11.83 6.37
CA ASN A 218 -10.73 -13.12 6.07
C ASN A 218 -9.88 -13.96 5.12
N GLU A 219 -8.55 -13.85 5.19
CA GLU A 219 -7.68 -14.53 4.23
C GLU A 219 -6.88 -15.67 4.85
N ALA A 220 -7.27 -16.13 6.05
CA ALA A 220 -6.53 -17.16 6.77
C ALA A 220 -5.04 -16.86 6.79
N SER A 221 -4.71 -15.59 6.98
CA SER A 221 -3.38 -15.04 6.81
C SER A 221 -2.96 -14.26 8.05
N PRO A 222 -1.68 -13.91 8.17
CA PRO A 222 -1.27 -13.07 9.30
C PRO A 222 -2.03 -11.75 9.31
N VAL A 223 -2.49 -11.36 10.51
CA VAL A 223 -3.20 -10.10 10.64
C VAL A 223 -2.30 -8.92 10.27
N SER A 224 -0.98 -9.10 10.34
CA SER A 224 -0.05 -8.07 9.89
C SER A 224 -0.23 -7.71 8.42
N SER A 225 -0.97 -8.52 7.66
CA SER A 225 -1.10 -8.36 6.21
C SER A 225 -2.22 -7.41 5.80
N SER A 226 -3.05 -6.93 6.73
CA SER A 226 -4.28 -6.20 6.42
C SER A 226 -4.35 -4.93 7.25
N GLN A 227 -4.59 -3.77 6.59
CA GLN A 227 -4.85 -2.52 7.28
C GLN A 227 -6.35 -2.17 7.19
N PRO A 228 -6.93 -1.55 8.22
CA PRO A 228 -6.26 -1.01 9.42
C PRO A 228 -6.09 -2.00 10.57
N ALA A 229 -6.36 -3.29 10.34
CA ALA A 229 -6.19 -4.30 11.40
C ALA A 229 -4.77 -4.32 11.93
N ASN A 230 -3.79 -3.94 11.10
CA ASN A 230 -2.38 -3.99 11.48
C ASN A 230 -1.85 -2.64 11.98
N CYS A 231 -2.74 -1.70 12.29
CA CYS A 231 -2.35 -0.40 12.79
C CYS A 231 -2.20 -0.42 14.30
N GLN A 232 -1.50 0.59 14.81
CA GLN A 232 -1.42 0.81 16.25
C GLN A 232 -2.69 1.46 16.75
N ASN A 233 -3.01 1.20 18.02
CA ASN A 233 -4.06 1.92 18.75
C ASN A 233 -5.46 1.60 18.23
N VAL A 234 -5.67 0.37 17.74
CA VAL A 234 -6.98 -0.14 17.37
C VAL A 234 -7.21 -1.46 18.10
N ILE A 235 -8.44 -1.96 18.02
CA ILE A 235 -8.79 -3.27 18.57
C ILE A 235 -9.11 -4.18 17.39
N ALA A 236 -8.15 -5.01 17.00
CA ALA A 236 -8.32 -5.96 15.89
C ALA A 236 -9.05 -7.21 16.38
N VAL A 237 -10.05 -7.65 15.63
CA VAL A 237 -10.98 -8.68 16.09
C VAL A 237 -10.95 -9.88 15.14
N ALA A 238 -10.66 -11.06 15.69
CA ALA A 238 -10.75 -12.30 14.92
C ALA A 238 -12.13 -12.92 15.08
N ALA A 239 -12.47 -13.83 14.16
CA ALA A 239 -13.78 -14.47 14.14
C ALA A 239 -13.71 -15.91 14.64
N THR A 240 -14.64 -16.26 15.52
CA THR A 240 -14.83 -17.63 15.98
C THR A 240 -16.27 -18.08 15.72
N ASP A 241 -16.51 -19.38 15.88
CA ASP A 241 -17.80 -19.97 15.52
C ASP A 241 -18.57 -20.38 16.78
N ILE A 242 -19.72 -21.04 16.55
CA ILE A 242 -20.66 -21.33 17.63
C ILE A 242 -20.03 -22.24 18.68
N ASN A 243 -19.00 -22.98 18.32
CA ASN A 243 -18.32 -23.85 19.28
C ASN A 243 -17.10 -23.19 19.89
N GLY A 244 -16.89 -21.89 19.66
CA GLY A 244 -15.71 -21.24 20.19
C GLY A 244 -14.44 -21.56 19.45
N ARG A 245 -14.54 -22.07 18.23
CA ARG A 245 -13.38 -22.47 17.45
C ARG A 245 -13.05 -21.40 16.41
N ARG A 246 -11.77 -21.34 16.07
CA ARG A 246 -11.29 -20.42 15.04
C ARG A 246 -12.09 -20.60 13.74
N ALA A 247 -12.60 -19.48 13.21
CA ALA A 247 -13.21 -19.54 11.90
C ALA A 247 -12.17 -19.89 10.85
N SER A 248 -12.54 -20.73 9.88
CA SER A 248 -11.57 -21.20 8.89
C SER A 248 -10.91 -20.04 8.17
N PHE A 249 -11.63 -18.93 7.96
CA PHE A 249 -11.15 -17.83 7.15
C PHE A 249 -10.43 -16.73 7.93
N THR A 250 -10.49 -16.73 9.26
CA THR A 250 -10.05 -15.53 9.97
C THR A 250 -8.54 -15.37 9.90
N ASN A 251 -8.10 -14.12 9.72
CA ASN A 251 -6.70 -13.81 9.93
C ASN A 251 -6.37 -13.92 11.41
N THR A 252 -5.10 -14.17 11.70
CA THR A 252 -4.64 -14.37 13.07
C THR A 252 -3.25 -13.76 13.24
N GLY A 253 -2.86 -13.57 14.48
CA GLY A 253 -1.51 -13.11 14.77
C GLY A 253 -1.47 -12.30 16.04
N SER A 254 -0.25 -11.84 16.37
CA SER A 254 -0.03 -11.24 17.68
C SER A 254 -0.82 -9.96 17.89
N LEU A 255 -1.16 -9.24 16.81
CA LEU A 255 -1.90 -7.98 16.95
C LEU A 255 -3.38 -8.18 17.24
N VAL A 256 -3.95 -9.37 17.00
CA VAL A 256 -5.36 -9.57 17.33
C VAL A 256 -5.55 -9.39 18.83
N LYS A 257 -6.60 -8.66 19.20
CA LYS A 257 -6.85 -8.35 20.60
C LYS A 257 -7.89 -9.25 21.24
N ILE A 258 -8.83 -9.78 20.47
CA ILE A 258 -9.92 -10.59 21.02
C ILE A 258 -10.60 -11.30 19.87
N ALA A 259 -11.32 -12.37 20.17
CA ALA A 259 -12.13 -13.10 19.20
C ALA A 259 -13.60 -12.96 19.54
N ALA A 260 -14.44 -12.99 18.51
CA ALA A 260 -15.88 -12.77 18.72
C ALA A 260 -16.67 -13.48 17.63
N PRO A 261 -17.98 -13.65 17.83
CA PRO A 261 -18.80 -14.45 16.90
C PRO A 261 -18.77 -13.91 15.48
N GLY A 262 -18.39 -14.77 14.53
CA GLY A 262 -18.20 -14.33 13.17
C GLY A 262 -18.64 -15.32 12.11
N VAL A 263 -19.33 -16.40 12.51
CA VAL A 263 -19.75 -17.45 11.58
C VAL A 263 -21.25 -17.68 11.74
N ASN A 264 -21.98 -17.60 10.64
CA ASN A 264 -23.44 -17.79 10.63
C ASN A 264 -24.13 -16.79 11.56
N ILE A 265 -23.93 -15.51 11.29
CA ILE A 265 -24.45 -14.41 12.10
C ILE A 265 -25.66 -13.80 11.39
N LEU A 266 -26.85 -13.97 11.97
CA LEU A 266 -28.09 -13.42 11.43
C LEU A 266 -28.23 -11.95 11.82
N SER A 267 -28.61 -11.11 10.84
CA SER A 267 -28.84 -9.69 11.11
C SER A 267 -29.74 -9.12 10.01
N THR A 268 -29.98 -7.80 10.09
CA THR A 268 -30.81 -7.08 9.13
C THR A 268 -30.14 -7.02 7.74
N LEU A 269 -30.95 -7.15 6.69
CA LEU A 269 -30.42 -7.03 5.32
C LEU A 269 -31.52 -6.49 4.41
N ASN A 270 -31.37 -6.71 3.10
CA ASN A 270 -32.32 -6.25 2.10
C ASN A 270 -32.31 -7.28 0.99
N SER A 271 -33.46 -7.43 0.31
CA SER A 271 -33.58 -8.48 -0.70
C SER A 271 -33.12 -8.05 -2.09
N GLY A 272 -32.82 -6.77 -2.30
CA GLY A 272 -32.44 -6.32 -3.63
C GLY A 272 -31.09 -6.88 -4.05
N THR A 273 -30.99 -7.26 -5.32
CA THR A 273 -29.71 -7.68 -5.85
C THR A 273 -28.93 -6.51 -6.46
N LYS A 274 -29.63 -5.43 -6.78
CA LYS A 274 -29.00 -4.19 -7.22
C LYS A 274 -29.50 -3.05 -6.34
N SER A 275 -30.52 -2.32 -6.80
CA SER A 275 -31.10 -1.26 -5.99
C SER A 275 -31.89 -1.83 -4.82
N PRO A 276 -32.15 -1.02 -3.80
CA PRO A 276 -32.89 -1.53 -2.64
C PRO A 276 -34.25 -2.08 -3.02
N ALA A 277 -34.64 -3.15 -2.32
CA ALA A 277 -35.97 -3.71 -2.44
C ALA A 277 -36.53 -3.90 -1.03
N ALA A 278 -36.98 -5.11 -0.70
CA ALA A 278 -37.67 -5.33 0.56
C ALA A 278 -36.70 -5.58 1.72
N ASP A 279 -37.12 -5.19 2.91
CA ASP A 279 -36.40 -5.58 4.12
C ASP A 279 -36.30 -7.10 4.21
N SER A 280 -35.19 -7.59 4.75
CA SER A 280 -35.00 -9.01 4.95
C SER A 280 -34.04 -9.21 6.12
N TYR A 281 -33.77 -10.48 6.43
CA TYR A 281 -32.76 -10.87 7.40
C TYR A 281 -31.88 -11.91 6.72
N ALA A 282 -30.58 -11.90 7.02
CA ALA A 282 -29.66 -12.81 6.37
C ALA A 282 -28.51 -13.16 7.29
N SER A 283 -27.98 -14.36 7.10
CA SER A 283 -26.84 -14.84 7.87
C SER A 283 -25.57 -14.65 7.03
N TYR A 284 -24.58 -13.96 7.61
CA TYR A 284 -23.30 -13.70 6.98
C TYR A 284 -22.17 -14.27 7.84
N ASN A 285 -21.04 -14.52 7.17
CA ASN A 285 -19.77 -14.91 7.79
C ASN A 285 -18.74 -13.82 7.58
N GLY A 286 -17.89 -13.58 8.57
CA GLY A 286 -16.71 -12.76 8.35
C GLY A 286 -16.22 -12.15 9.63
N THR A 287 -14.95 -11.70 9.61
CA THR A 287 -14.50 -10.84 10.71
C THR A 287 -15.30 -9.55 10.75
N SER A 288 -15.97 -9.18 9.65
CA SER A 288 -16.90 -8.06 9.65
C SER A 288 -18.02 -8.23 10.65
N MET A 289 -18.43 -9.49 10.92
CA MET A 289 -19.52 -9.79 11.85
C MET A 289 -19.03 -9.84 13.30
N ALA A 290 -17.78 -10.26 13.51
CA ALA A 290 -17.21 -10.32 14.84
C ALA A 290 -16.97 -8.92 15.39
N THR A 291 -16.56 -8.00 14.50
CA THR A 291 -16.22 -6.64 14.90
C THR A 291 -17.36 -5.94 15.62
N PRO A 292 -18.59 -5.90 15.09
CA PRO A 292 -19.68 -5.23 15.81
C PRO A 292 -20.11 -5.95 17.08
N HIS A 293 -19.81 -7.24 17.26
CA HIS A 293 -20.07 -7.81 18.59
C HIS A 293 -19.19 -7.13 19.62
N VAL A 294 -17.94 -6.83 19.27
CA VAL A 294 -17.04 -6.13 20.18
C VAL A 294 -17.44 -4.67 20.31
N ALA A 295 -17.69 -4.00 19.19
CA ALA A 295 -18.04 -2.59 19.26
C ALA A 295 -19.34 -2.38 20.02
N GLY A 296 -20.33 -3.25 19.81
CA GLY A 296 -21.56 -3.15 20.57
C GLY A 296 -21.33 -3.38 22.06
N THR A 297 -20.44 -4.33 22.39
CA THR A 297 -20.12 -4.55 23.81
C THR A 297 -19.50 -3.30 24.42
N VAL A 298 -18.61 -2.62 23.69
CA VAL A 298 -18.04 -1.38 24.18
C VAL A 298 -19.13 -0.34 24.41
N ALA A 299 -20.13 -0.29 23.50
CA ALA A 299 -21.22 0.65 23.65
C ALA A 299 -22.00 0.39 24.93
N LEU A 300 -22.18 -0.88 25.29
CA LEU A 300 -22.83 -1.20 26.56
C LEU A 300 -21.92 -0.88 27.75
N MET A 301 -20.62 -1.15 27.62
CA MET A 301 -19.68 -0.80 28.69
C MET A 301 -19.76 0.68 29.01
N LEU A 302 -19.82 1.52 27.97
CA LEU A 302 -19.89 2.97 28.17
C LEU A 302 -21.25 3.41 28.67
N ALA A 303 -22.33 2.75 28.24
CA ALA A 303 -23.64 3.05 28.81
C ALA A 303 -23.66 2.74 30.30
N ALA A 304 -22.98 1.69 30.70
CA ALA A 304 -22.96 1.32 32.12
C ALA A 304 -21.97 2.15 32.92
N ASN A 305 -20.88 2.63 32.31
CA ASN A 305 -19.90 3.46 33.01
C ASN A 305 -19.28 4.41 31.97
N GLY A 306 -19.83 5.62 31.89
CA GLY A 306 -19.40 6.58 30.89
C GLY A 306 -18.02 7.17 31.13
N SER A 307 -17.37 6.83 32.24
CA SER A 307 -16.06 7.40 32.52
C SER A 307 -14.90 6.54 32.03
N LEU A 308 -15.16 5.37 31.45
CA LEU A 308 -14.09 4.50 31.00
C LEU A 308 -13.33 5.12 29.83
N THR A 309 -11.98 5.03 29.89
CA THR A 309 -11.13 5.50 28.80
C THR A 309 -10.93 4.40 27.78
N PRO A 310 -10.52 4.72 26.55
CA PRO A 310 -10.22 3.65 25.59
C PRO A 310 -9.25 2.62 26.14
N SER A 311 -8.22 3.06 26.86
CA SER A 311 -7.28 2.12 27.46
C SER A 311 -7.98 1.19 28.45
N GLN A 312 -8.84 1.75 29.30
CA GLN A 312 -9.55 0.91 30.27
C GLN A 312 -10.50 -0.04 29.56
N ILE A 313 -11.10 0.40 28.46
CA ILE A 313 -12.03 -0.45 27.71
C ILE A 313 -11.30 -1.67 27.16
N LEU A 314 -10.14 -1.47 26.53
CA LEU A 314 -9.39 -2.60 26.00
C LEU A 314 -8.94 -3.53 27.13
N GLN A 315 -8.43 -2.97 28.22
CA GLN A 315 -7.98 -3.81 29.34
C GLN A 315 -9.12 -4.65 29.89
N LYS A 316 -10.32 -4.07 30.01
CA LYS A 316 -11.45 -4.82 30.55
C LYS A 316 -11.95 -5.87 29.55
N LEU A 317 -11.99 -5.53 28.26
CA LEU A 317 -12.35 -6.52 27.26
C LEU A 317 -11.45 -7.74 27.35
N GLN A 318 -10.14 -7.51 27.48
CA GLN A 318 -9.22 -8.63 27.44
C GLN A 318 -9.23 -9.41 28.76
N ALA A 319 -9.34 -8.70 29.88
CA ALA A 319 -9.35 -9.38 31.18
C ALA A 319 -10.60 -10.23 31.38
N SER A 320 -11.72 -9.85 30.76
CA SER A 320 -12.98 -10.54 30.91
C SER A 320 -13.23 -11.61 29.85
N ALA A 321 -12.36 -11.71 28.86
CA ALA A 321 -12.52 -12.71 27.83
C ALA A 321 -12.40 -14.12 28.41
N ARG A 322 -13.17 -15.09 27.81
CA ARG A 322 -13.11 -16.48 28.26
C ARG A 322 -11.96 -17.22 27.58
N PRO A 323 -11.32 -18.16 28.28
CA PRO A 323 -10.27 -18.95 27.62
C PRO A 323 -10.83 -19.74 26.44
N PHE A 324 -9.98 -19.96 25.45
CA PHE A 324 -10.38 -20.74 24.30
C PHE A 324 -10.55 -22.21 24.70
N PRO A 325 -11.57 -22.89 24.18
CA PRO A 325 -11.74 -24.31 24.52
C PRO A 325 -10.65 -25.17 23.92
N SER A 326 -10.45 -26.33 24.52
CA SER A 326 -9.50 -27.29 23.97
C SER A 326 -9.86 -27.62 22.52
N GLY A 327 -8.84 -27.65 21.67
CA GLY A 327 -9.05 -27.94 20.26
C GLY A 327 -9.67 -26.81 19.46
N SER A 328 -9.61 -25.58 19.98
CA SER A 328 -10.27 -24.46 19.31
C SER A 328 -9.53 -24.00 18.06
N GLY A 329 -8.24 -24.31 17.93
CA GLY A 329 -7.43 -23.71 16.89
C GLY A 329 -7.01 -22.29 17.21
N CYS A 330 -7.26 -21.82 18.42
CA CYS A 330 -6.95 -20.47 18.85
C CYS A 330 -5.96 -20.49 20.01
N SER A 331 -5.20 -19.42 20.14
CA SER A 331 -4.34 -19.18 21.29
C SER A 331 -4.29 -17.68 21.56
N THR A 332 -3.81 -17.32 22.75
CA THR A 332 -3.69 -15.90 23.09
C THR A 332 -2.59 -15.19 22.30
N SER A 333 -1.77 -15.90 21.54
CA SER A 333 -0.83 -15.24 20.64
C SER A 333 -1.35 -15.10 19.22
N THR A 334 -2.49 -15.72 18.89
CA THR A 334 -3.01 -15.67 17.53
C THR A 334 -4.42 -15.12 17.43
N CYS A 335 -5.26 -15.32 18.44
CA CYS A 335 -6.67 -14.93 18.38
C CYS A 335 -7.06 -13.96 19.47
N GLY A 336 -6.09 -13.28 20.09
CA GLY A 336 -6.39 -12.33 21.13
C GLY A 336 -6.58 -12.98 22.49
N ALA A 337 -7.13 -12.18 23.40
CA ALA A 337 -7.12 -12.55 24.82
C ALA A 337 -8.02 -13.73 25.15
N GLY A 338 -8.97 -14.04 24.29
CA GLY A 338 -9.96 -15.06 24.55
C GLY A 338 -11.23 -14.77 23.78
N LEU A 339 -12.31 -15.44 24.17
CA LEU A 339 -13.62 -15.25 23.55
C LEU A 339 -14.34 -14.09 24.21
N LEU A 340 -14.89 -13.17 23.39
CA LEU A 340 -15.65 -12.05 23.91
C LEU A 340 -16.72 -12.49 24.91
N ASP A 341 -16.79 -11.78 26.03
CA ASP A 341 -17.84 -12.04 27.03
C ASP A 341 -18.39 -10.70 27.49
N ALA A 342 -19.50 -10.28 26.88
CA ALA A 342 -20.11 -9.01 27.26
C ALA A 342 -20.66 -9.07 28.67
N GLY A 343 -21.19 -10.22 29.07
CA GLY A 343 -21.71 -10.36 30.42
C GLY A 343 -20.65 -10.10 31.48
N ALA A 344 -19.41 -10.49 31.20
CA ALA A 344 -18.29 -10.23 32.11
C ALA A 344 -17.67 -8.85 31.91
N ALA A 345 -17.72 -8.32 30.68
CA ALA A 345 -17.07 -7.05 30.39
C ALA A 345 -17.90 -5.85 30.87
N VAL A 346 -19.22 -5.94 30.82
CA VAL A 346 -20.08 -4.80 31.15
C VAL A 346 -20.23 -4.75 32.67
N ASN A 347 -19.89 -3.60 33.24
CA ASN A 347 -19.82 -3.44 34.69
C ASN A 347 -20.34 -2.05 35.03
N ALA A 348 -21.39 -1.99 35.84
CA ALA A 348 -21.98 -0.71 36.22
C ALA A 348 -21.00 0.13 37.02
N ALA A 349 -21.04 1.43 36.78
CA ALA A 349 -20.33 2.35 37.66
C ALA A 349 -20.83 2.19 39.09
N ARG A 350 -19.96 2.51 40.03
CA ARG A 350 -20.33 2.40 41.44
C ARG A 350 -21.53 3.29 41.76
N GLN A 351 -22.42 2.76 42.58
CA GLN A 351 -23.46 3.56 43.20
C GLN A 351 -22.91 4.17 44.49
N HIS A 352 -23.55 5.25 44.96
CA HIS A 352 -22.99 5.99 46.08
C HIS A 352 -24.11 6.62 46.90
N HIS A 353 -23.78 7.01 48.13
CA HIS A 353 -24.77 7.70 48.94
C HIS A 353 -25.13 9.05 48.35
N HIS A 354 -26.33 9.55 48.69
CA HIS A 354 -26.74 10.89 48.22
C HIS A 354 -26.74 11.88 49.39
N HIS A 355 -25.74 11.75 50.26
N LEU B 1 4.00 12.51 4.42
CA LEU B 1 4.97 11.97 5.38
C LEU B 1 6.36 12.33 4.88
N VAL B 2 7.24 12.78 5.77
CA VAL B 2 8.63 13.04 5.39
C VAL B 2 9.57 12.29 6.33
N PRO B 3 10.71 11.82 5.83
CA PRO B 3 11.69 11.16 6.69
C PRO B 3 12.59 12.18 7.37
N ASN B 4 13.31 11.71 8.40
CA ASN B 4 14.13 12.59 9.22
C ASN B 4 15.60 12.64 8.79
N ASP B 5 15.95 12.11 7.62
CA ASP B 5 17.36 12.03 7.27
C ASP B 5 18.00 13.40 7.12
N THR B 6 19.26 13.48 7.56
CA THR B 6 20.00 14.74 7.63
C THR B 6 20.02 15.49 6.30
N ARG B 7 20.21 14.78 5.19
CA ARG B 7 20.40 15.38 3.88
C ARG B 7 19.15 15.35 3.02
N TYR B 8 18.01 14.86 3.55
CA TYR B 8 16.80 14.76 2.74
C TYR B 8 16.40 16.12 2.14
N SER B 9 16.57 17.21 2.90
CA SER B 9 16.15 18.51 2.38
C SER B 9 16.90 18.94 1.13
N GLU B 10 18.08 18.36 0.90
CA GLU B 10 18.85 18.64 -0.30
C GLU B 10 18.41 17.80 -1.49
N GLN B 11 17.55 16.81 -1.26
CA GLN B 11 17.07 15.91 -2.32
C GLN B 11 15.80 16.50 -2.93
N TRP B 12 16.00 17.56 -3.72
CA TRP B 12 14.88 18.30 -4.30
C TRP B 12 14.02 17.40 -5.18
N GLY B 13 14.60 16.35 -5.75
CA GLY B 13 13.83 15.49 -6.63
C GLY B 13 12.69 14.78 -5.91
N TYR B 14 12.77 14.65 -4.60
CA TYR B 14 11.69 14.03 -3.85
C TYR B 14 10.61 15.01 -3.44
N ALA B 15 10.93 16.29 -3.43
CA ALA B 15 10.05 17.29 -2.84
C ALA B 15 8.98 17.74 -3.82
N SER B 16 8.15 18.69 -3.39
CA SER B 16 6.96 19.07 -4.12
C SER B 16 7.10 20.39 -4.87
N GLY B 17 8.33 20.79 -5.18
CA GLY B 17 8.55 21.98 -5.98
C GLY B 17 8.14 21.76 -7.43
N VAL B 18 8.33 22.79 -8.25
CA VAL B 18 7.86 22.72 -9.64
C VAL B 18 8.48 21.54 -10.39
N GLY B 19 9.69 21.12 -10.00
CA GLY B 19 10.35 20.04 -10.71
C GLY B 19 10.35 18.71 -9.99
N GLY B 20 9.92 18.69 -8.73
CA GLY B 20 10.08 17.50 -7.91
C GLY B 20 9.00 16.44 -8.14
N ALA B 21 9.28 15.24 -7.62
CA ALA B 21 8.37 14.11 -7.80
C ALA B 21 7.31 13.99 -6.72
N ASN B 22 7.30 14.88 -5.70
CA ASN B 22 6.16 14.99 -4.80
C ASN B 22 5.96 13.70 -4.00
N LEU B 23 7.07 13.18 -3.45
CA LEU B 23 7.02 11.92 -2.72
C LEU B 23 6.26 11.98 -1.40
N PRO B 24 6.29 13.07 -0.63
CA PRO B 24 5.61 13.00 0.69
C PRO B 24 4.15 12.59 0.61
N LYS B 25 3.44 12.97 -0.46
CA LYS B 25 2.07 12.52 -0.65
C LYS B 25 1.99 11.02 -0.89
N ALA B 26 2.90 10.47 -1.70
CA ALA B 26 2.95 9.02 -1.90
C ALA B 26 3.28 8.29 -0.60
N TRP B 27 4.20 8.86 0.20
CA TRP B 27 4.63 8.18 1.41
C TRP B 27 3.53 8.12 2.47
N ASP B 28 2.51 8.98 2.36
CA ASP B 28 1.33 8.84 3.22
C ASP B 28 0.59 7.54 2.94
N ILE B 29 0.72 7.01 1.72
CA ILE B 29 0.07 5.77 1.32
C ILE B 29 0.96 4.57 1.59
N THR B 30 2.24 4.66 1.21
CA THR B 30 3.14 3.54 1.37
C THR B 30 4.57 4.07 1.37
N THR B 31 5.41 3.48 2.21
CA THR B 31 6.85 3.71 2.12
C THR B 31 7.56 2.49 1.56
N GLY B 32 6.82 1.62 0.88
CA GLY B 32 7.40 0.50 0.16
C GLY B 32 7.02 -0.82 0.81
N SER B 33 7.43 -1.90 0.15
CA SER B 33 7.16 -3.24 0.65
C SER B 33 8.36 -4.12 0.38
N ASP B 34 8.78 -4.90 1.37
CA ASP B 34 9.93 -5.78 1.14
C ASP B 34 9.61 -6.95 0.23
N LYS B 35 8.37 -7.09 -0.21
CA LYS B 35 8.02 -8.10 -1.22
C LYS B 35 8.12 -7.55 -2.64
N VAL B 36 8.39 -6.26 -2.81
CA VAL B 36 8.62 -5.67 -4.12
C VAL B 36 10.11 -5.48 -4.26
N VAL B 37 10.68 -6.03 -5.34
CA VAL B 37 12.12 -6.02 -5.55
C VAL B 37 12.43 -5.20 -6.80
N VAL B 38 13.33 -4.23 -6.66
CA VAL B 38 13.84 -3.45 -7.78
C VAL B 38 15.25 -3.93 -8.09
N ALA B 39 15.50 -4.30 -9.36
CA ALA B 39 16.86 -4.64 -9.77
C ALA B 39 17.60 -3.39 -10.24
N VAL B 40 18.78 -3.16 -9.69
CA VAL B 40 19.65 -2.08 -10.16
C VAL B 40 20.74 -2.77 -10.97
N VAL B 41 20.63 -2.66 -12.30
CA VAL B 41 21.48 -3.40 -13.22
C VAL B 41 22.54 -2.40 -13.66
N ASP B 42 23.74 -2.51 -13.10
CA ASP B 42 24.62 -1.35 -13.04
C ASP B 42 26.05 -1.75 -12.69
N THR B 43 26.80 -0.87 -12.02
CA THR B 43 28.21 -1.14 -11.72
C THR B 43 28.40 -2.02 -10.48
N GLY B 44 27.32 -2.44 -9.81
CA GLY B 44 27.43 -3.10 -8.52
C GLY B 44 27.13 -2.13 -7.40
N TYR B 45 27.33 -2.59 -6.17
CA TYR B 45 27.00 -1.76 -5.01
C TYR B 45 28.14 -1.76 -4.01
N ARG B 46 28.20 -0.66 -3.18
CA ARG B 46 28.97 -0.72 -1.95
C ARG B 46 28.01 -0.88 -0.77
N PRO B 47 28.42 -1.63 0.28
CA PRO B 47 27.55 -1.83 1.46
C PRO B 47 27.57 -0.61 2.38
N HIS B 48 27.26 0.53 1.78
CA HIS B 48 27.16 1.80 2.49
C HIS B 48 26.26 1.66 3.71
N ALA B 49 26.66 2.27 4.84
CA ALA B 49 25.85 2.13 6.04
C ALA B 49 24.43 2.66 5.84
N ASP B 50 24.24 3.61 4.92
CA ASP B 50 22.93 4.15 4.63
C ASP B 50 22.25 3.44 3.46
N LEU B 51 22.66 2.20 3.13
CA LEU B 51 22.10 1.49 1.99
C LEU B 51 21.99 -0.01 2.23
N ALA B 52 22.99 -0.59 2.91
CA ALA B 52 23.20 -2.04 2.88
C ALA B 52 22.00 -2.85 3.37
N ALA B 53 21.24 -2.33 4.34
CA ALA B 53 20.13 -3.12 4.87
C ALA B 53 19.07 -3.42 3.83
N ASN B 54 19.01 -2.64 2.74
CA ASN B 54 18.00 -2.87 1.71
C ASN B 54 18.52 -3.67 0.53
N ILE B 55 19.77 -4.13 0.58
CA ILE B 55 20.42 -4.83 -0.54
C ILE B 55 20.27 -6.33 -0.35
N LEU B 56 19.81 -7.02 -1.40
CA LEU B 56 19.69 -8.47 -1.47
C LEU B 56 20.95 -9.09 -2.08
N PRO B 57 21.17 -10.39 -1.87
CA PRO B 57 22.15 -11.11 -2.69
C PRO B 57 21.80 -10.99 -4.16
N GLY B 58 22.82 -10.70 -4.99
CA GLY B 58 22.62 -10.47 -6.41
C GLY B 58 23.56 -11.34 -7.23
N TYR B 59 23.99 -10.80 -8.36
CA TYR B 59 24.88 -11.55 -9.22
C TYR B 59 25.71 -10.59 -10.04
N ASP B 60 26.87 -11.09 -10.47
CA ASP B 60 27.85 -10.30 -11.22
C ASP B 60 28.03 -10.97 -12.57
N PHE B 61 27.48 -10.36 -13.62
CA PHE B 61 27.51 -10.95 -14.95
C PHE B 61 28.65 -10.45 -15.82
N ILE B 62 29.62 -9.71 -15.25
CA ILE B 62 30.73 -9.26 -16.09
C ILE B 62 31.62 -10.45 -16.42
N SER B 63 31.71 -10.78 -17.71
CA SER B 63 32.39 -12.01 -18.12
C SER B 63 33.90 -11.86 -18.18
N ASP B 64 34.38 -10.67 -18.52
CA ASP B 64 35.81 -10.45 -18.72
C ASP B 64 36.48 -10.07 -17.41
N PRO B 65 37.44 -10.84 -16.90
CA PRO B 65 38.06 -10.49 -15.62
C PRO B 65 38.74 -9.13 -15.61
N ASP B 66 39.27 -8.67 -16.75
CA ASP B 66 39.94 -7.37 -16.76
C ASP B 66 38.93 -6.26 -16.46
N SER B 67 37.81 -6.24 -17.18
CA SER B 67 36.77 -5.26 -16.90
C SER B 67 36.15 -5.49 -15.52
N ALA B 68 35.97 -6.74 -15.13
CA ALA B 68 35.31 -7.06 -13.87
C ALA B 68 36.10 -6.54 -12.68
N ASN B 69 37.43 -6.55 -12.77
CA ASN B 69 38.29 -5.90 -11.76
C ASN B 69 38.10 -6.53 -10.38
N ASP B 70 37.74 -7.83 -10.33
CA ASP B 70 37.49 -8.48 -9.05
C ASP B 70 38.11 -9.87 -8.98
N GLY B 71 38.96 -10.23 -9.93
CA GLY B 71 39.69 -11.47 -9.87
C GLY B 71 39.07 -12.64 -10.59
N ASN B 72 37.97 -12.46 -11.30
CA ASN B 72 37.35 -13.58 -12.02
C ASN B 72 36.27 -13.05 -12.94
N GLY B 73 35.73 -13.95 -13.76
CA GLY B 73 34.60 -13.63 -14.62
C GLY B 73 33.30 -13.65 -13.83
N ARG B 74 32.24 -14.21 -14.40
CA ARG B 74 30.94 -14.12 -13.75
C ARG B 74 31.00 -14.75 -12.36
N ASP B 75 30.26 -14.17 -11.42
CA ASP B 75 30.35 -14.60 -10.03
C ASP B 75 29.12 -14.12 -9.28
N ASN B 76 28.95 -14.63 -8.05
CA ASN B 76 27.75 -14.34 -7.27
C ASN B 76 27.89 -13.16 -6.33
N ASN B 77 28.89 -12.31 -6.53
CA ASN B 77 29.15 -11.16 -5.64
C ASN B 77 29.07 -9.89 -6.47
N ALA B 78 27.93 -9.17 -6.34
CA ALA B 78 27.69 -7.93 -7.09
C ALA B 78 28.28 -6.70 -6.42
N ALA B 79 29.16 -6.86 -5.44
CA ALA B 79 29.87 -5.70 -4.91
C ALA B 79 30.70 -5.01 -5.99
N ASP B 80 30.76 -3.68 -5.92
CA ASP B 80 31.50 -2.88 -6.90
C ASP B 80 32.93 -2.73 -6.43
N PRO B 81 33.92 -3.28 -7.13
CA PRO B 81 35.32 -3.09 -6.74
C PRO B 81 35.87 -1.75 -7.19
N GLY B 82 35.13 -1.03 -8.01
CA GLY B 82 35.62 0.21 -8.62
C GLY B 82 35.78 0.02 -10.11
N ASP B 83 35.36 1.03 -10.88
CA ASP B 83 35.42 0.99 -12.33
C ASP B 83 36.41 2.01 -12.92
N TRP B 84 37.39 2.43 -12.13
CA TRP B 84 38.37 3.41 -12.62
C TRP B 84 39.11 2.89 -13.84
N VAL B 85 39.60 3.83 -14.65
CA VAL B 85 40.43 3.54 -15.82
C VAL B 85 41.60 4.52 -15.78
N THR B 86 42.83 4.01 -15.73
CA THR B 86 43.95 4.93 -15.68
C THR B 86 44.34 5.38 -17.10
N GLN B 87 45.10 6.49 -17.17
CA GLN B 87 45.58 6.97 -18.46
C GLN B 87 46.45 5.91 -19.13
N GLN B 88 47.27 5.23 -18.34
CA GLN B 88 48.11 4.16 -18.87
C GLN B 88 47.26 3.03 -19.45
N GLU B 89 46.14 2.68 -18.81
CA GLU B 89 45.28 1.60 -19.31
C GLU B 89 44.62 1.98 -20.62
N VAL B 90 44.06 3.19 -20.71
CA VAL B 90 43.30 3.56 -21.91
C VAL B 90 44.24 3.81 -23.09
N ASP B 91 45.52 4.05 -22.83
CA ASP B 91 46.50 4.36 -23.88
C ASP B 91 47.40 3.20 -24.26
N ASP B 92 47.25 2.04 -23.62
CA ASP B 92 48.10 0.89 -23.89
C ASP B 92 47.60 0.16 -25.14
N PRO B 93 48.30 0.30 -26.27
CA PRO B 93 47.80 -0.35 -27.50
C PRO B 93 47.77 -1.85 -27.40
N ASN B 94 48.50 -2.45 -26.45
CA ASN B 94 48.51 -3.88 -26.27
C ASN B 94 47.60 -4.34 -25.15
N GLY B 95 46.89 -3.41 -24.51
CA GLY B 95 46.06 -3.72 -23.36
C GLY B 95 44.59 -3.82 -23.65
N PRO B 96 43.84 -4.36 -22.67
CA PRO B 96 42.42 -4.62 -22.86
C PRO B 96 41.53 -3.38 -22.76
N PHE B 97 42.09 -2.24 -22.38
CA PHE B 97 41.32 -1.01 -22.25
C PHE B 97 41.69 0.03 -23.31
N TYR B 98 42.48 -0.35 -24.31
CA TYR B 98 42.92 0.58 -25.34
C TYR B 98 41.76 1.31 -25.98
N ARG B 99 41.79 2.64 -25.88
CA ARG B 99 40.81 3.52 -26.51
C ARG B 99 39.39 3.11 -26.13
N CYS B 100 39.20 2.63 -24.90
CA CYS B 100 37.90 2.12 -24.51
C CYS B 100 36.89 3.22 -24.23
N GLN B 101 37.35 4.43 -23.92
CA GLN B 101 36.47 5.57 -23.77
C GLN B 101 37.14 6.78 -24.42
N LEU B 102 36.39 7.48 -25.27
CA LEU B 102 36.90 8.63 -26.01
C LEU B 102 35.98 9.82 -25.79
N ASP B 103 36.55 11.01 -25.83
CA ASP B 103 35.78 12.24 -25.68
C ASP B 103 35.24 12.68 -27.04
N GLN B 104 34.83 13.94 -27.15
CA GLN B 104 34.21 14.46 -28.37
C GLN B 104 35.17 14.44 -29.55
N PHE B 105 36.46 14.63 -29.29
CA PHE B 105 37.47 14.73 -30.33
C PHE B 105 38.06 13.39 -30.73
N GLY B 106 37.58 12.29 -30.15
CA GLY B 106 38.21 11.00 -30.38
C GLY B 106 39.47 10.79 -29.57
N ASN B 107 39.66 11.55 -28.49
CA ASN B 107 40.81 11.42 -27.62
C ASN B 107 40.45 10.57 -26.40
N THR B 108 41.40 9.74 -25.96
CA THR B 108 41.21 8.93 -24.77
C THR B 108 41.21 9.80 -23.51
N PHE B 109 40.58 9.30 -22.45
CA PHE B 109 40.65 9.94 -21.15
C PHE B 109 40.59 8.89 -20.05
N ALA B 110 41.11 9.28 -18.88
CA ALA B 110 41.10 8.50 -17.64
C ALA B 110 39.93 8.89 -16.75
N SER B 111 39.60 8.01 -15.81
CA SER B 111 38.46 8.26 -14.92
C SER B 111 38.69 7.61 -13.56
N ASN B 112 38.20 8.27 -12.51
CA ASN B 112 38.13 7.68 -11.19
C ASN B 112 36.92 6.76 -11.09
N SER B 113 36.90 5.95 -10.03
CA SER B 113 35.74 5.09 -9.79
C SER B 113 34.47 5.93 -9.69
N SER B 114 33.41 5.48 -10.37
CA SER B 114 32.16 6.22 -10.36
C SER B 114 31.25 5.89 -9.18
N TRP B 115 31.32 4.65 -8.68
CA TRP B 115 30.35 4.14 -7.69
C TRP B 115 28.92 4.38 -8.16
N HIS B 116 28.73 4.37 -9.48
CA HIS B 116 27.47 4.82 -10.06
C HIS B 116 26.30 3.96 -9.61
N GLY B 117 26.51 2.63 -9.50
CA GLY B 117 25.44 1.77 -9.05
C GLY B 117 25.03 2.03 -7.61
N THR B 118 25.96 2.54 -6.78
CA THR B 118 25.63 2.88 -5.40
C THR B 118 24.79 4.15 -5.35
N HIS B 119 25.09 5.10 -6.21
CA HIS B 119 24.29 6.32 -6.30
C HIS B 119 22.88 5.99 -6.75
N VAL B 120 22.75 5.24 -7.84
CA VAL B 120 21.44 4.86 -8.36
C VAL B 120 20.65 4.06 -7.32
N ALA B 121 21.29 3.07 -6.68
CA ALA B 121 20.59 2.26 -5.69
C ALA B 121 20.10 3.12 -4.53
N GLY B 122 20.87 4.12 -4.12
CA GLY B 122 20.42 5.00 -3.05
C GLY B 122 19.17 5.80 -3.41
N THR B 123 19.02 6.20 -4.67
CA THR B 123 17.79 6.88 -5.07
C THR B 123 16.59 5.93 -4.97
N ILE B 124 16.78 4.67 -5.34
CA ILE B 124 15.69 3.70 -5.23
C ILE B 124 15.37 3.41 -3.78
N GLY B 125 16.39 3.23 -2.94
CA GLY B 125 16.16 2.66 -1.62
C GLY B 125 17.24 2.83 -0.58
N ALA B 126 17.89 4.00 -0.50
CA ALA B 126 18.71 4.28 0.67
C ALA B 126 17.89 4.08 1.94
N VAL B 127 18.58 3.68 3.01
CA VAL B 127 17.90 3.49 4.29
C VAL B 127 17.37 4.84 4.75
N SER B 128 16.07 4.91 5.00
CA SER B 128 15.39 6.19 5.18
C SER B 128 14.81 6.30 6.59
N ASN B 129 14.65 7.54 7.02
CA ASN B 129 14.13 7.85 8.36
C ASN B 129 15.00 7.24 9.45
N ASN B 130 16.31 7.13 9.20
CA ASN B 130 17.27 6.61 10.18
C ASN B 130 18.19 7.70 10.71
N GLY B 131 17.79 8.97 10.58
CA GLY B 131 18.50 10.04 11.26
C GLY B 131 19.85 10.38 10.68
N THR B 132 20.15 9.92 9.47
CA THR B 132 21.48 10.16 8.93
C THR B 132 21.44 10.03 7.42
N GLY B 133 22.36 10.73 6.76
CA GLY B 133 22.52 10.56 5.31
C GLY B 133 21.30 11.00 4.53
N VAL B 134 20.97 10.20 3.50
CA VAL B 134 19.93 10.54 2.52
C VAL B 134 18.71 9.65 2.73
N ALA B 135 17.64 9.91 1.97
CA ALA B 135 16.51 9.00 1.89
C ALA B 135 16.45 8.38 0.50
N GLY B 136 15.68 7.29 0.40
CA GLY B 136 15.36 6.68 -0.87
C GLY B 136 13.86 6.73 -1.13
N ILE B 137 13.47 6.35 -2.35
CA ILE B 137 12.06 6.42 -2.71
C ILE B 137 11.26 5.32 -2.02
N SER B 138 11.79 4.11 -2.01
CA SER B 138 11.15 2.99 -1.31
C SER B 138 11.96 2.70 -0.05
N TRP B 139 11.43 3.09 1.10
CA TRP B 139 12.17 2.91 2.34
C TRP B 139 12.28 1.44 2.72
N LYS B 140 11.25 0.66 2.42
CA LYS B 140 11.17 -0.72 2.87
C LYS B 140 11.34 -1.73 1.76
N GLY B 141 11.38 -1.29 0.51
CA GLY B 141 11.58 -2.22 -0.58
C GLY B 141 12.99 -2.78 -0.58
N LYS B 142 13.17 -3.84 -1.36
CA LYS B 142 14.47 -4.47 -1.48
C LYS B 142 15.07 -4.17 -2.84
N ILE B 143 16.40 -4.18 -2.88
CA ILE B 143 17.17 -3.88 -4.09
C ILE B 143 17.98 -5.10 -4.45
N LEU B 144 17.84 -5.55 -5.71
CA LEU B 144 18.61 -6.66 -6.25
C LEU B 144 19.77 -6.09 -7.06
N PRO B 145 21.00 -6.16 -6.56
CA PRO B 145 22.14 -5.62 -7.32
C PRO B 145 22.59 -6.61 -8.38
N VAL B 146 22.60 -6.17 -9.63
CA VAL B 146 22.99 -7.01 -10.76
C VAL B 146 24.13 -6.28 -11.45
N ARG B 147 25.36 -6.76 -11.27
CA ARG B 147 26.53 -6.02 -11.73
C ARG B 147 26.84 -6.41 -13.17
N VAL B 148 26.81 -5.43 -14.07
CA VAL B 148 27.04 -5.66 -15.49
C VAL B 148 28.02 -4.65 -16.07
N LEU B 149 28.37 -3.61 -15.29
CA LEU B 149 29.29 -2.56 -15.74
C LEU B 149 30.52 -2.57 -14.87
N GLY B 150 31.69 -2.60 -15.52
CA GLY B 150 32.96 -2.57 -14.82
C GLY B 150 33.86 -1.48 -15.39
N LYS B 151 35.17 -1.73 -15.35
CA LYS B 151 36.09 -0.78 -15.95
C LYS B 151 35.75 -0.54 -17.40
N CYS B 152 35.51 0.73 -17.74
CA CYS B 152 35.20 1.20 -19.09
C CYS B 152 33.86 0.66 -19.60
N GLY B 153 32.98 0.22 -18.71
CA GLY B 153 31.63 -0.09 -19.13
C GLY B 153 31.35 -1.59 -19.15
N GLY B 154 30.42 -2.00 -20.00
CA GLY B 154 30.01 -3.39 -20.01
C GLY B 154 29.58 -3.83 -21.39
N THR B 155 29.35 -5.13 -21.55
CA THR B 155 28.99 -5.66 -22.85
C THR B 155 27.49 -5.88 -22.98
N LEU B 156 27.01 -5.80 -24.22
CA LEU B 156 25.61 -6.04 -24.53
C LEU B 156 25.13 -7.37 -23.98
N SER B 157 25.92 -8.42 -24.21
CA SER B 157 25.54 -9.77 -23.79
C SER B 157 25.44 -9.88 -22.28
N ASP B 158 26.39 -9.26 -21.55
CA ASP B 158 26.35 -9.33 -20.09
C ASP B 158 25.14 -8.58 -19.55
N ILE B 159 24.84 -7.40 -20.13
CA ILE B 159 23.71 -6.61 -19.65
C ILE B 159 22.40 -7.33 -19.93
N ALA B 160 22.25 -7.93 -21.11
CA ALA B 160 21.02 -8.63 -21.44
C ALA B 160 20.84 -9.87 -20.57
N ASP B 161 21.93 -10.59 -20.27
CA ASP B 161 21.83 -11.72 -19.34
C ASP B 161 21.47 -11.23 -17.94
N GLY B 162 22.06 -10.12 -17.51
CA GLY B 162 21.68 -9.56 -16.22
C GLY B 162 20.21 -9.21 -16.16
N MET B 163 19.67 -8.67 -17.25
CA MET B 163 18.25 -8.35 -17.32
C MET B 163 17.40 -9.60 -17.13
N ARG B 164 17.68 -10.67 -17.87
CA ARG B 164 16.92 -11.91 -17.73
C ARG B 164 16.98 -12.44 -16.30
N TRP B 165 18.19 -12.54 -15.74
CA TRP B 165 18.34 -13.09 -14.41
C TRP B 165 17.62 -12.25 -13.38
N ALA B 166 17.68 -10.93 -13.53
CA ALA B 166 17.04 -10.04 -12.57
C ALA B 166 15.56 -10.35 -12.44
N ALA B 167 14.89 -10.62 -13.55
CA ALA B 167 13.46 -10.89 -13.55
C ALA B 167 13.11 -12.34 -13.18
N GLY B 168 14.11 -13.19 -12.94
CA GLY B 168 13.82 -14.56 -12.57
C GLY B 168 13.82 -15.55 -13.72
N LEU B 169 14.35 -15.16 -14.88
CA LEU B 169 14.54 -16.06 -16.01
C LEU B 169 15.91 -16.71 -15.94
N SER B 170 16.05 -17.84 -16.63
CA SER B 170 17.29 -18.59 -16.56
C SER B 170 18.35 -18.01 -17.48
N VAL B 171 19.61 -18.11 -17.03
CA VAL B 171 20.78 -17.73 -17.81
C VAL B 171 21.75 -18.91 -17.74
N PRO B 172 22.25 -19.43 -18.86
CA PRO B 172 23.20 -20.55 -18.78
C PRO B 172 24.38 -20.23 -17.87
N GLY B 173 24.69 -21.18 -16.99
CA GLY B 173 25.83 -21.05 -16.10
C GLY B 173 25.57 -20.27 -14.84
N ALA B 174 24.37 -19.68 -14.70
CA ALA B 174 24.01 -18.94 -13.50
C ALA B 174 22.95 -19.69 -12.70
N PRO B 175 22.98 -19.60 -11.37
CA PRO B 175 21.95 -20.24 -10.56
C PRO B 175 20.64 -19.47 -10.67
N ALA B 176 19.55 -20.13 -10.27
CA ALA B 176 18.27 -19.44 -10.29
C ALA B 176 18.27 -18.29 -9.31
N ASN B 177 17.55 -17.23 -9.67
CA ASN B 177 17.42 -16.06 -8.81
C ASN B 177 16.22 -16.26 -7.88
N PRO B 178 16.43 -16.45 -6.58
CA PRO B 178 15.28 -16.62 -5.66
C PRO B 178 14.58 -15.32 -5.31
N ASN B 179 15.09 -14.18 -5.79
CA ASN B 179 14.52 -12.86 -5.54
C ASN B 179 14.23 -12.16 -6.87
N PRO B 180 13.28 -12.68 -7.65
CA PRO B 180 12.94 -12.02 -8.93
C PRO B 180 12.42 -10.61 -8.70
N ALA B 181 12.82 -9.70 -9.59
CA ALA B 181 12.49 -8.29 -9.51
C ALA B 181 11.32 -7.95 -10.42
N SER B 182 10.40 -7.12 -9.91
CA SER B 182 9.27 -6.60 -10.67
C SER B 182 9.61 -5.34 -11.46
N VAL B 183 10.66 -4.62 -11.06
CA VAL B 183 11.05 -3.36 -11.67
C VAL B 183 12.54 -3.47 -11.94
N LEU B 184 12.94 -3.20 -13.18
CA LEU B 184 14.35 -3.32 -13.58
C LEU B 184 14.84 -1.95 -14.00
N ASN B 185 15.88 -1.45 -13.32
CA ASN B 185 16.45 -0.14 -13.58
C ASN B 185 17.72 -0.25 -14.41
N PHE B 186 17.73 0.41 -15.57
CA PHE B 186 18.89 0.43 -16.48
C PHE B 186 19.35 1.87 -16.70
N SER B 187 20.24 2.34 -15.83
CA SER B 187 20.83 3.67 -15.95
C SER B 187 22.11 3.60 -16.79
N LEU B 188 21.92 3.24 -18.05
CA LEU B 188 23.05 2.88 -18.91
C LEU B 188 22.58 2.83 -20.36
N GLY B 189 23.55 2.74 -21.26
CA GLY B 189 23.23 2.53 -22.66
C GLY B 189 24.47 2.65 -23.53
N GLY B 190 24.22 2.59 -24.83
CA GLY B 190 25.30 2.71 -25.79
C GLY B 190 24.70 3.05 -27.15
N GLY B 191 25.57 3.29 -28.12
CA GLY B 191 25.09 3.73 -29.42
C GLY B 191 24.49 2.61 -30.25
N GLY B 192 23.73 3.01 -31.27
CA GLY B 192 23.19 2.09 -32.26
C GLY B 192 21.71 1.81 -32.05
N SER B 193 21.06 1.37 -33.13
CA SER B 193 19.68 0.93 -33.03
C SER B 193 19.57 -0.27 -32.10
N CYS B 194 18.37 -0.45 -31.53
CA CYS B 194 18.13 -1.49 -30.54
C CYS B 194 18.46 -2.88 -31.09
N SER B 195 19.47 -3.51 -30.51
CA SER B 195 19.90 -4.82 -30.94
C SER B 195 18.83 -5.86 -30.63
N ARG B 196 18.78 -6.90 -31.46
CA ARG B 196 17.89 -8.01 -31.16
C ARG B 196 18.25 -8.65 -29.82
N THR B 197 19.53 -8.66 -29.44
CA THR B 197 19.92 -9.17 -28.14
C THR B 197 19.16 -8.46 -27.02
N TYR B 198 19.12 -7.13 -27.07
CA TYR B 198 18.34 -6.38 -26.08
C TYR B 198 16.85 -6.68 -26.23
N GLN B 199 16.31 -6.60 -27.45
CA GLN B 199 14.86 -6.69 -27.59
C GLN B 199 14.33 -8.05 -27.16
N ASN B 200 15.09 -9.12 -27.44
CA ASN B 200 14.66 -10.45 -27.01
C ASN B 200 14.58 -10.52 -25.49
N ALA B 201 15.61 -9.98 -24.82
CA ALA B 201 15.63 -10.04 -23.36
C ALA B 201 14.53 -9.16 -22.77
N ILE B 202 14.32 -7.97 -23.34
CA ILE B 202 13.27 -7.08 -22.85
C ILE B 202 11.91 -7.76 -22.96
N ASN B 203 11.62 -8.33 -24.13
CA ASN B 203 10.30 -8.92 -24.30
C ASN B 203 10.09 -10.10 -23.36
N ALA B 204 11.16 -10.87 -23.11
CA ALA B 204 11.05 -12.00 -22.19
C ALA B 204 10.75 -11.54 -20.77
N VAL B 205 11.43 -10.48 -20.30
CA VAL B 205 11.17 -10.07 -18.92
C VAL B 205 9.84 -9.34 -18.80
N VAL B 206 9.40 -8.60 -19.82
CA VAL B 206 8.10 -7.95 -19.75
C VAL B 206 6.99 -8.99 -19.72
N ALA B 207 7.13 -10.03 -20.53
CA ALA B 207 6.14 -11.12 -20.51
C ALA B 207 6.11 -11.82 -19.17
N LYS B 208 7.24 -11.85 -18.46
CA LYS B 208 7.34 -12.39 -17.12
C LYS B 208 6.70 -11.46 -16.08
N GLY B 209 6.40 -10.23 -16.47
CA GLY B 209 5.71 -9.29 -15.62
C GLY B 209 6.53 -8.11 -15.12
N ALA B 210 7.76 -7.95 -15.62
CA ALA B 210 8.64 -6.90 -15.12
C ALA B 210 8.49 -5.64 -15.96
N THR B 211 8.70 -4.49 -15.30
CA THR B 211 8.71 -3.19 -15.95
C THR B 211 10.18 -2.80 -16.11
N VAL B 212 10.56 -2.40 -17.32
CA VAL B 212 11.95 -2.06 -17.65
C VAL B 212 12.06 -0.54 -17.82
N VAL B 213 12.82 0.11 -16.95
CA VAL B 213 12.98 1.57 -16.95
C VAL B 213 14.41 1.89 -17.37
N VAL B 214 14.58 2.77 -18.36
CA VAL B 214 15.89 2.97 -18.99
C VAL B 214 16.19 4.46 -19.16
N ALA B 215 17.45 4.82 -18.95
CA ALA B 215 17.89 6.21 -19.11
C ALA B 215 17.91 6.59 -20.58
N ALA B 216 17.42 7.80 -20.90
CA ALA B 216 17.37 8.22 -22.31
C ALA B 216 18.75 8.48 -22.90
N GLY B 217 19.75 8.81 -22.09
CA GLY B 217 21.06 9.17 -22.57
C GLY B 217 21.34 10.66 -22.44
N ASN B 218 22.63 11.00 -22.53
CA ASN B 218 23.14 12.30 -22.10
C ASN B 218 23.89 13.04 -23.20
N GLU B 219 23.47 12.89 -24.46
CA GLU B 219 24.22 13.47 -25.58
C GLU B 219 23.47 14.59 -26.28
N ALA B 220 22.44 15.15 -25.63
CA ALA B 220 21.59 16.18 -26.24
C ALA B 220 21.22 15.80 -27.68
N SER B 221 20.86 14.54 -27.86
CA SER B 221 20.66 13.91 -29.16
C SER B 221 19.32 13.19 -29.20
N PRO B 222 18.87 12.76 -30.38
CA PRO B 222 17.62 12.00 -30.44
C PRO B 222 17.73 10.71 -29.63
N VAL B 223 16.68 10.41 -28.86
CA VAL B 223 16.69 9.20 -28.05
C VAL B 223 16.75 7.96 -28.92
N SER B 224 16.34 8.08 -30.20
CA SER B 224 16.50 6.98 -31.14
C SER B 224 17.95 6.54 -31.32
N SER B 225 18.92 7.33 -30.85
CA SER B 225 20.33 7.08 -31.07
C SER B 225 20.98 6.18 -30.03
N SER B 226 20.27 5.82 -28.95
CA SER B 226 20.84 5.12 -27.80
C SER B 226 19.98 3.90 -27.46
N GLN B 227 20.63 2.72 -27.31
CA GLN B 227 19.96 1.53 -26.82
C GLN B 227 20.40 1.25 -25.38
N PRO B 228 19.52 0.71 -24.52
CA PRO B 228 18.17 0.22 -24.83
C PRO B 228 17.06 1.28 -24.77
N ALA B 229 17.43 2.56 -24.65
CA ALA B 229 16.42 3.62 -24.60
C ALA B 229 15.56 3.64 -25.84
N ASN B 230 16.08 3.14 -26.96
CA ASN B 230 15.35 3.14 -28.23
C ASN B 230 14.68 1.81 -28.54
N CYS B 231 14.55 0.93 -27.54
CA CYS B 231 13.89 -0.35 -27.73
C CYS B 231 12.39 -0.25 -27.50
N GLN B 232 11.67 -1.26 -27.98
CA GLN B 232 10.26 -1.40 -27.68
C GLN B 232 10.07 -1.95 -26.28
N ASN B 233 8.93 -1.61 -25.67
CA ASN B 233 8.45 -2.21 -24.43
C ASN B 233 9.33 -1.87 -23.22
N VAL B 234 9.92 -0.66 -23.23
CA VAL B 234 10.63 -0.11 -22.09
C VAL B 234 10.05 1.27 -21.77
N ILE B 235 10.45 1.81 -20.62
CA ILE B 235 10.07 3.17 -20.24
C ILE B 235 11.35 4.02 -20.29
N ALA B 236 11.51 4.78 -21.37
CA ALA B 236 12.66 5.66 -21.54
C ALA B 236 12.45 6.99 -20.79
N VAL B 237 13.45 7.42 -20.04
CA VAL B 237 13.28 8.52 -19.09
C VAL B 237 14.25 9.66 -19.43
N ALA B 238 13.71 10.86 -19.64
CA ALA B 238 14.53 12.04 -19.84
C ALA B 238 14.76 12.74 -18.50
N ALA B 239 15.78 13.60 -18.46
CA ALA B 239 16.17 14.31 -17.25
C ALA B 239 15.73 15.77 -17.29
N THR B 240 15.14 16.22 -16.18
CA THR B 240 14.79 17.63 -15.96
C THR B 240 15.43 18.12 -14.67
N ASP B 241 15.41 19.44 -14.48
CA ASP B 241 16.11 20.06 -13.37
C ASP B 241 15.12 20.59 -12.33
N ILE B 242 15.67 21.31 -11.33
CA ILE B 242 14.88 21.70 -10.17
C ILE B 242 13.74 22.65 -10.56
N ASN B 243 13.86 23.33 -11.69
CA ASN B 243 12.81 24.21 -12.16
C ASN B 243 11.87 23.53 -13.15
N GLY B 244 11.99 22.21 -13.32
CA GLY B 244 11.14 21.53 -14.28
C GLY B 244 11.55 21.74 -15.71
N ARG B 245 12.78 22.17 -15.96
CA ARG B 245 13.25 22.45 -17.30
C ARG B 245 14.12 21.32 -17.81
N ARG B 246 14.12 21.16 -19.13
CA ARG B 246 14.96 20.16 -19.78
C ARG B 246 16.42 20.29 -19.35
N ALA B 247 17.03 19.17 -18.93
CA ALA B 247 18.45 19.20 -18.66
C ALA B 247 19.22 19.43 -19.95
N SER B 248 20.29 20.23 -19.88
CA SER B 248 21.01 20.58 -21.10
C SER B 248 21.48 19.33 -21.86
N PHE B 249 21.81 18.26 -21.13
CA PHE B 249 22.41 17.09 -21.73
C PHE B 249 21.42 16.01 -22.15
N THR B 250 20.15 16.09 -21.74
CA THR B 250 19.30 14.93 -21.93
C THR B 250 19.00 14.68 -23.40
N ASN B 251 18.99 13.42 -23.79
CA ASN B 251 18.42 13.05 -25.07
C ASN B 251 16.92 13.23 -25.04
N THR B 252 16.33 13.44 -26.22
CA THR B 252 14.90 13.70 -26.33
C THR B 252 14.36 13.04 -27.60
N GLY B 253 13.05 12.89 -27.65
CA GLY B 253 12.40 12.38 -28.84
C GLY B 253 11.11 11.67 -28.50
N SER B 254 10.46 11.19 -29.57
CA SER B 254 9.09 10.66 -29.41
C SER B 254 9.05 9.43 -28.50
N LEU B 255 10.14 8.65 -28.41
CA LEU B 255 10.13 7.44 -27.59
C LEU B 255 10.24 7.73 -26.09
N VAL B 256 10.67 8.93 -25.69
CA VAL B 256 10.73 9.23 -24.25
C VAL B 256 9.32 9.16 -23.68
N LYS B 257 9.19 8.48 -22.53
CA LYS B 257 7.88 8.28 -21.93
C LYS B 257 7.56 9.26 -20.82
N ILE B 258 8.58 9.80 -20.13
CA ILE B 258 8.36 10.69 -19.00
C ILE B 258 9.69 11.37 -18.67
N ALA B 259 9.62 12.50 -17.97
CA ALA B 259 10.80 13.18 -17.47
C ALA B 259 10.83 13.14 -15.96
N ALA B 260 12.04 13.14 -15.40
CA ALA B 260 12.18 13.01 -13.95
C ALA B 260 13.46 13.69 -13.51
N PRO B 261 13.62 13.93 -12.20
CA PRO B 261 14.77 14.71 -11.70
C PRO B 261 16.10 14.07 -12.04
N GLY B 262 16.97 14.86 -12.71
CA GLY B 262 18.23 14.30 -13.17
C GLY B 262 19.41 15.26 -13.10
N VAL B 263 19.25 16.39 -12.41
CA VAL B 263 20.30 17.41 -12.30
C VAL B 263 20.52 17.72 -10.82
N ASN B 264 21.77 17.61 -10.37
CA ASN B 264 22.16 17.87 -8.99
C ASN B 264 21.39 16.97 -8.02
N ILE B 265 21.56 15.66 -8.20
CA ILE B 265 20.85 14.64 -7.42
C ILE B 265 21.81 14.05 -6.39
N LEU B 266 21.55 14.32 -5.10
CA LEU B 266 22.36 13.79 -4.01
C LEU B 266 21.96 12.35 -3.68
N SER B 267 22.94 11.47 -3.53
CA SER B 267 22.66 10.09 -3.15
C SER B 267 23.91 9.50 -2.51
N THR B 268 23.84 8.20 -2.17
CA THR B 268 24.96 7.48 -1.55
C THR B 268 26.12 7.29 -2.53
N LEU B 269 27.35 7.40 -2.03
CA LEU B 269 28.52 7.16 -2.87
C LEU B 269 29.65 6.61 -1.99
N ASN B 270 30.88 6.75 -2.49
CA ASN B 270 32.08 6.28 -1.80
C ASN B 270 33.20 7.25 -2.15
N SER B 271 34.15 7.40 -1.22
CA SER B 271 35.22 8.37 -1.42
C SER B 271 36.42 7.83 -2.18
N GLY B 272 36.47 6.53 -2.45
CA GLY B 272 37.64 5.97 -3.12
C GLY B 272 37.74 6.44 -4.56
N THR B 273 38.96 6.75 -4.99
CA THR B 273 39.19 7.06 -6.39
C THR B 273 39.50 5.82 -7.22
N LYS B 274 39.94 4.75 -6.56
CA LYS B 274 40.15 3.46 -7.19
C LYS B 274 39.37 2.41 -6.40
N SER B 275 40.03 1.68 -5.50
CA SER B 275 39.33 0.72 -4.68
C SER B 275 38.43 1.40 -3.65
N PRO B 276 37.48 0.68 -3.08
CA PRO B 276 36.57 1.29 -2.10
C PRO B 276 37.33 1.88 -0.91
N ALA B 277 36.79 3.01 -0.43
CA ALA B 277 37.28 3.62 0.79
C ALA B 277 36.06 3.94 1.65
N ALA B 278 35.92 5.20 2.08
CA ALA B 278 34.88 5.53 3.05
C ALA B 278 33.53 5.81 2.38
N ASP B 279 32.46 5.52 3.11
CA ASP B 279 31.13 5.95 2.69
C ASP B 279 31.08 7.46 2.52
N SER B 280 30.30 7.90 1.55
CA SER B 280 30.14 9.33 1.31
C SER B 280 28.77 9.56 0.68
N TYR B 281 28.46 10.82 0.43
CA TYR B 281 27.30 11.23 -0.34
C TYR B 281 27.80 12.17 -1.42
N ALA B 282 27.17 12.12 -2.60
CA ALA B 282 27.62 12.94 -3.72
C ALA B 282 26.45 13.30 -4.61
N SER B 283 26.56 14.46 -5.25
CA SER B 283 25.57 14.95 -6.20
C SER B 283 26.03 14.63 -7.62
N TYR B 284 25.18 13.94 -8.38
CA TYR B 284 25.44 13.58 -9.76
C TYR B 284 24.36 14.12 -10.68
N ASN B 285 24.74 14.28 -11.96
CA ASN B 285 23.85 14.66 -13.05
C ASN B 285 23.73 13.51 -14.03
N GLY B 286 22.54 13.29 -14.58
CA GLY B 286 22.41 12.39 -15.71
C GLY B 286 21.03 11.82 -15.84
N THR B 287 20.72 11.32 -17.04
CA THR B 287 19.50 10.52 -17.16
C THR B 287 19.60 9.27 -16.30
N SER B 288 20.82 8.87 -15.91
CA SER B 288 20.99 7.80 -14.92
C SER B 288 20.30 8.09 -13.60
N MET B 289 20.21 9.37 -13.22
CA MET B 289 19.60 9.78 -11.96
C MET B 289 18.09 9.90 -12.07
N ALA B 290 17.59 10.28 -13.25
CA ALA B 290 16.15 10.38 -13.48
C ALA B 290 15.50 9.01 -13.48
N THR B 291 16.19 8.03 -14.05
CA THR B 291 15.65 6.69 -14.20
C THR B 291 15.22 6.08 -12.86
N PRO B 292 16.04 6.08 -11.79
CA PRO B 292 15.58 5.50 -10.52
C PRO B 292 14.50 6.32 -9.83
N HIS B 293 14.32 7.60 -10.14
CA HIS B 293 13.13 8.27 -9.61
C HIS B 293 11.88 7.60 -10.16
N VAL B 294 11.90 7.24 -11.45
CA VAL B 294 10.76 6.55 -12.05
C VAL B 294 10.67 5.12 -11.54
N ALA B 295 11.78 4.39 -11.53
CA ALA B 295 11.73 3.01 -11.08
C ALA B 295 11.31 2.90 -9.63
N GLY B 296 11.80 3.81 -8.77
CA GLY B 296 11.37 3.82 -7.39
C GLY B 296 9.88 4.12 -7.26
N THR B 297 9.38 5.03 -8.10
CA THR B 297 7.95 5.33 -8.07
C THR B 297 7.12 4.11 -8.44
N VAL B 298 7.57 3.34 -9.44
CA VAL B 298 6.88 2.09 -9.78
C VAL B 298 6.89 1.14 -8.59
N ALA B 299 8.02 1.08 -7.87
CA ALA B 299 8.10 0.20 -6.70
C ALA B 299 7.07 0.59 -5.65
N LEU B 300 6.84 1.90 -5.46
CA LEU B 300 5.78 2.33 -4.54
C LEU B 300 4.40 2.04 -5.10
N MET B 301 4.22 2.23 -6.41
CA MET B 301 2.94 1.91 -7.04
C MET B 301 2.57 0.45 -6.79
N LEU B 302 3.55 -0.44 -6.93
CA LEU B 302 3.30 -1.87 -6.72
C LEU B 302 3.14 -2.21 -5.24
N ALA B 303 3.85 -1.53 -4.35
CA ALA B 303 3.61 -1.73 -2.92
C ALA B 303 2.20 -1.32 -2.55
N ALA B 304 1.68 -0.27 -3.18
CA ALA B 304 0.32 0.19 -2.87
C ALA B 304 -0.74 -0.65 -3.56
N ASN B 305 -0.44 -1.24 -4.72
CA ASN B 305 -1.42 -2.07 -5.45
C ASN B 305 -0.62 -3.11 -6.24
N GLY B 306 -0.47 -4.29 -5.65
CA GLY B 306 0.33 -5.35 -6.26
C GLY B 306 -0.27 -5.95 -7.52
N SER B 307 -1.48 -5.54 -7.90
CA SER B 307 -2.16 -6.13 -9.05
C SER B 307 -1.88 -5.41 -10.37
N LEU B 308 -1.18 -4.28 -10.33
CA LEU B 308 -0.97 -3.50 -11.55
C LEU B 308 -0.07 -4.24 -12.52
N THR B 309 -0.47 -4.23 -13.82
CA THR B 309 0.33 -4.80 -14.88
C THR B 309 1.33 -3.77 -15.39
N PRO B 310 2.40 -4.20 -16.07
CA PRO B 310 3.32 -3.21 -16.66
C PRO B 310 2.60 -2.19 -17.53
N SER B 311 1.60 -2.60 -18.33
CA SER B 311 0.89 -1.64 -19.16
C SER B 311 0.11 -0.65 -18.31
N GLN B 312 -0.51 -1.14 -17.23
CA GLN B 312 -1.22 -0.23 -16.34
C GLN B 312 -0.27 0.73 -15.66
N ILE B 313 0.93 0.26 -15.31
CA ILE B 313 1.92 1.11 -14.66
C ILE B 313 2.33 2.26 -15.58
N LEU B 314 2.62 1.95 -16.84
CA LEU B 314 3.00 3.01 -17.77
C LEU B 314 1.85 3.99 -17.99
N GLN B 315 0.62 3.47 -18.14
CA GLN B 315 -0.54 4.34 -18.35
C GLN B 315 -0.73 5.29 -17.17
N LYS B 316 -0.56 4.78 -15.94
CA LYS B 316 -0.75 5.62 -14.77
C LYS B 316 0.40 6.63 -14.62
N LEU B 317 1.64 6.21 -14.88
CA LEU B 317 2.75 7.16 -14.84
C LEU B 317 2.50 8.33 -15.77
N GLN B 318 2.04 8.06 -16.99
CA GLN B 318 1.89 9.13 -17.97
C GLN B 318 0.65 9.98 -17.66
N ALA B 319 -0.44 9.34 -17.25
CA ALA B 319 -1.66 10.09 -16.94
C ALA B 319 -1.49 11.01 -15.74
N SER B 320 -0.63 10.64 -14.79
CA SER B 320 -0.45 11.41 -13.56
C SER B 320 0.69 12.42 -13.66
N ALA B 321 1.44 12.42 -14.76
CA ALA B 321 2.54 13.37 -14.90
C ALA B 321 2.02 14.80 -14.98
N ARG B 322 2.83 15.74 -14.46
CA ARG B 322 2.45 17.16 -14.47
C ARG B 322 2.84 17.80 -15.80
N PRO B 323 2.06 18.75 -16.33
CA PRO B 323 2.48 19.45 -17.55
C PRO B 323 3.81 20.19 -17.35
N PHE B 324 4.54 20.32 -18.44
CA PHE B 324 5.80 21.06 -18.37
C PHE B 324 5.53 22.55 -18.20
N PRO B 325 6.31 23.24 -17.38
CA PRO B 325 6.10 24.68 -17.22
C PRO B 325 6.45 25.45 -18.48
N SER B 326 5.89 26.65 -18.58
CA SER B 326 6.24 27.54 -19.67
C SER B 326 7.74 27.76 -19.72
N GLY B 327 8.30 27.67 -20.93
CA GLY B 327 9.73 27.88 -21.12
C GLY B 327 10.61 26.74 -20.69
N SER B 328 10.04 25.55 -20.51
CA SER B 328 10.79 24.42 -19.98
C SER B 328 11.79 23.85 -20.98
N GLY B 329 11.59 24.09 -22.27
CA GLY B 329 12.35 23.37 -23.28
C GLY B 329 11.88 21.96 -23.52
N CYS B 330 10.75 21.57 -22.92
CA CYS B 330 10.19 20.24 -23.03
C CYS B 330 8.83 20.29 -23.71
N SER B 331 8.46 19.18 -24.35
CA SER B 331 7.12 18.99 -24.88
C SER B 331 6.76 17.52 -24.77
N THR B 332 5.46 17.22 -24.92
CA THR B 332 5.03 15.82 -24.85
C THR B 332 5.50 15.00 -26.05
N SER B 333 6.06 15.62 -27.08
CA SER B 333 6.66 14.85 -28.16
C SER B 333 8.16 14.65 -28.00
N THR B 334 8.78 15.30 -27.02
CA THR B 334 10.23 15.20 -26.87
C THR B 334 10.68 14.71 -25.50
N CYS B 335 9.92 15.00 -24.44
CA CYS B 335 10.32 14.68 -23.07
C CYS B 335 9.29 13.81 -22.37
N GLY B 336 8.42 13.15 -23.11
CA GLY B 336 7.43 12.27 -22.51
C GLY B 336 6.20 13.01 -22.01
N ALA B 337 5.43 12.30 -21.20
CA ALA B 337 4.07 12.74 -20.87
C ALA B 337 4.03 13.98 -20.00
N GLY B 338 5.12 14.30 -19.31
CA GLY B 338 5.17 15.37 -18.35
C GLY B 338 6.23 15.10 -17.31
N LEU B 339 6.17 15.84 -16.21
CA LEU B 339 7.09 15.68 -15.09
C LEU B 339 6.58 14.59 -14.15
N LEU B 340 7.46 13.67 -13.77
CA LEU B 340 7.10 12.62 -12.82
C LEU B 340 6.41 13.17 -11.58
N ASP B 341 5.32 12.53 -11.18
CA ASP B 341 4.63 12.91 -9.94
C ASP B 341 4.24 11.64 -9.21
N ALA B 342 5.09 11.22 -8.27
CA ALA B 342 4.80 10.02 -7.50
C ALA B 342 3.59 10.19 -6.62
N GLY B 343 3.40 11.39 -6.07
CA GLY B 343 2.23 11.64 -5.24
C GLY B 343 0.93 11.40 -5.99
N ALA B 344 0.91 11.71 -7.29
CA ALA B 344 -0.26 11.46 -8.12
C ALA B 344 -0.29 10.03 -8.69
N ALA B 345 0.88 9.43 -8.91
CA ALA B 345 0.93 8.11 -9.51
C ALA B 345 0.60 6.98 -8.53
N VAL B 346 1.01 7.13 -7.27
CA VAL B 346 0.85 6.08 -6.28
C VAL B 346 -0.59 6.11 -5.75
N ASN B 347 -1.28 4.99 -5.86
CA ASN B 347 -2.71 4.91 -5.57
C ASN B 347 -2.97 3.57 -4.89
N ALA B 348 -3.50 3.61 -3.67
CA ALA B 348 -3.77 2.39 -2.92
C ALA B 348 -4.83 1.56 -3.62
N ALA B 349 -4.67 0.24 -3.56
CA ALA B 349 -5.74 -0.65 -3.96
C ALA B 349 -6.98 -0.36 -3.12
N ARG B 350 -8.14 -0.64 -3.70
CA ARG B 350 -9.39 -0.42 -3.00
C ARG B 350 -9.45 -1.23 -1.70
N GLN B 351 -9.99 -0.60 -0.67
CA GLN B 351 -10.40 -1.30 0.54
C GLN B 351 -11.80 -1.89 0.35
N HIS B 352 -12.14 -2.90 1.14
CA HIS B 352 -13.41 -3.60 0.94
C HIS B 352 -13.93 -4.13 2.26
N HIS B 353 -15.21 -4.44 2.28
CA HIS B 353 -15.79 -5.03 3.48
C HIS B 353 -15.18 -6.41 3.76
N HIS B 354 -15.23 -6.82 5.03
CA HIS B 354 -14.75 -8.16 5.40
C HIS B 354 -15.93 -9.08 5.76
N HIS B 355 -17.03 -8.95 5.03
#